data_8U2Y
#
_entry.id   8U2Y
#
loop_
_entity.id
_entity.type
_entity.pdbx_description
1 polymer 'Methylcytosine dioxygenase TET3'
2 polymer 'Histone-lysine N-methyltransferase 2D'
3 non-polymer 'ZINC ION'
#
loop_
_entity_poly.entity_id
_entity_poly.type
_entity_poly.pdbx_seq_one_letter_code
_entity_poly.pdbx_strand_id
1 'polypeptide(L)' GVGGSWGVF A
2 'polypeptide(L)' SLVTCPICHAPYVEEDLLIQCRHCERWMHAGCESLFTEDDVEQAADEGFDCVSCQPYVVK B
#
# COMPACT_ATOMS: atom_id res chain seq x y z
N GLY A 1 1.01 8.69 13.66
CA GLY A 1 1.93 9.04 12.52
C GLY A 1 1.19 9.95 11.54
N VAL A 2 1.92 10.46 10.56
CA VAL A 2 1.32 11.33 9.56
C VAL A 2 1.42 10.72 8.17
N GLY A 3 0.27 10.60 7.50
CA GLY A 3 0.25 10.00 6.17
C GLY A 3 0.30 8.48 6.25
N GLY A 4 0.45 7.84 5.10
CA GLY A 4 0.52 6.38 5.05
C GLY A 4 1.91 5.90 5.45
N SER A 5 2.08 4.58 5.54
CA SER A 5 3.37 4.02 5.89
C SER A 5 3.88 3.12 4.78
N TRP A 6 4.97 3.50 4.14
CA TRP A 6 5.52 2.71 3.06
C TRP A 6 7.02 2.51 3.23
N GLY A 7 7.54 1.38 2.77
CA GLY A 7 8.97 1.11 2.89
C GLY A 7 9.58 0.76 1.53
N VAL A 8 10.89 0.84 1.43
CA VAL A 8 11.58 0.55 0.18
C VAL A 8 12.38 -0.75 0.32
N PHE A 9 12.32 -1.58 -0.71
CA PHE A 9 13.04 -2.85 -0.69
C PHE A 9 13.09 -3.46 -2.09
N SER B 1 -1.00 -9.84 6.52
CA SER B 1 -0.13 -8.90 5.76
C SER B 1 1.32 -9.32 5.90
N LEU B 2 2.21 -8.63 5.19
CA LEU B 2 3.64 -8.94 5.24
C LEU B 2 3.95 -10.29 4.59
N VAL B 3 2.94 -10.94 4.02
CA VAL B 3 3.13 -12.23 3.38
C VAL B 3 2.04 -12.47 2.34
N THR B 4 0.83 -12.06 2.67
CA THR B 4 -0.30 -12.22 1.76
C THR B 4 -0.96 -10.87 1.48
N CYS B 5 -1.14 -10.56 0.21
CA CYS B 5 -1.76 -9.29 -0.16
C CYS B 5 -3.23 -9.52 -0.57
N PRO B 6 -4.16 -8.73 -0.07
CA PRO B 6 -5.62 -8.93 -0.40
C PRO B 6 -5.90 -8.81 -1.91
N ILE B 7 -5.25 -7.85 -2.57
CA ILE B 7 -5.44 -7.69 -4.01
C ILE B 7 -4.94 -8.93 -4.71
N CYS B 8 -3.76 -9.37 -4.31
CA CYS B 8 -3.15 -10.55 -4.88
C CYS B 8 -2.84 -11.52 -3.74
N HIS B 9 -3.86 -12.31 -3.38
CA HIS B 9 -3.73 -13.27 -2.28
C HIS B 9 -2.73 -14.36 -2.60
N ALA B 10 -1.45 -14.04 -2.47
CA ALA B 10 -0.41 -15.01 -2.73
C ALA B 10 0.90 -14.60 -2.03
N PRO B 11 1.77 -15.55 -1.80
CA PRO B 11 3.08 -15.28 -1.13
C PRO B 11 4.06 -14.56 -2.05
N TYR B 12 5.01 -13.85 -1.46
CA TYR B 12 6.00 -13.12 -2.24
C TYR B 12 7.34 -13.07 -1.50
N VAL B 13 8.39 -12.73 -2.22
CA VAL B 13 9.71 -12.63 -1.63
C VAL B 13 9.96 -11.19 -1.25
N GLU B 14 10.43 -10.96 -0.03
CA GLU B 14 10.68 -9.59 0.42
C GLU B 14 11.47 -8.83 -0.65
N GLU B 15 10.75 -7.99 -1.39
CA GLU B 15 11.37 -7.22 -2.46
C GLU B 15 10.38 -6.19 -3.01
N ASP B 16 10.78 -5.53 -4.10
CA ASP B 16 9.93 -4.53 -4.73
C ASP B 16 9.54 -3.44 -3.72
N LEU B 17 8.90 -2.39 -4.22
CA LEU B 17 8.48 -1.30 -3.36
C LEU B 17 7.27 -1.72 -2.53
N LEU B 18 7.27 -1.32 -1.26
CA LEU B 18 6.18 -1.68 -0.37
C LEU B 18 5.43 -0.44 0.12
N ILE B 19 4.11 -0.57 0.19
CA ILE B 19 3.26 0.51 0.66
C ILE B 19 2.15 -0.07 1.53
N GLN B 20 1.89 0.55 2.68
CA GLN B 20 0.86 0.04 3.58
C GLN B 20 -0.17 1.09 3.96
N CYS B 21 -1.44 0.67 3.91
CA CYS B 21 -2.55 1.52 4.27
C CYS B 21 -2.54 1.72 5.77
N ARG B 22 -2.49 2.98 6.20
CA ARG B 22 -2.45 3.30 7.62
C ARG B 22 -3.80 3.04 8.30
N HIS B 23 -4.88 3.19 7.54
CA HIS B 23 -6.21 2.98 8.09
C HIS B 23 -6.41 1.53 8.51
N CYS B 24 -5.87 0.61 7.71
CA CYS B 24 -6.01 -0.82 7.99
C CYS B 24 -4.70 -1.43 8.48
N GLU B 25 -3.61 -0.68 8.40
CA GLU B 25 -2.32 -1.20 8.82
C GLU B 25 -2.02 -2.48 8.05
N ARG B 26 -2.18 -2.43 6.73
CA ARG B 26 -1.95 -3.62 5.90
C ARG B 26 -0.87 -3.39 4.84
N TRP B 27 0.09 -4.31 4.78
CA TRP B 27 1.17 -4.23 3.80
C TRP B 27 0.73 -4.83 2.47
N MET B 28 1.12 -4.18 1.37
CA MET B 28 0.77 -4.65 0.04
C MET B 28 1.75 -4.11 -1.00
N HIS B 29 1.78 -4.74 -2.17
CA HIS B 29 2.69 -4.33 -3.23
C HIS B 29 2.29 -3.00 -3.82
N ALA B 30 3.28 -2.17 -4.15
CA ALA B 30 3.00 -0.89 -4.75
C ALA B 30 2.34 -1.06 -6.11
N GLY B 31 2.83 -2.04 -6.87
CA GLY B 31 2.31 -2.30 -8.21
C GLY B 31 0.82 -2.64 -8.19
N CYS B 32 0.40 -3.49 -7.25
CA CYS B 32 -1.01 -3.86 -7.18
C CYS B 32 -1.86 -2.69 -6.68
N GLU B 33 -1.21 -1.66 -6.12
CA GLU B 33 -1.93 -0.49 -5.63
C GLU B 33 -1.82 0.69 -6.60
N SER B 34 -1.50 0.39 -7.86
CA SER B 34 -1.39 1.40 -8.91
C SER B 34 -0.10 2.22 -8.79
N LEU B 35 0.75 1.90 -7.82
CA LEU B 35 2.01 2.64 -7.69
C LEU B 35 3.06 2.00 -8.60
N PHE B 36 3.66 2.82 -9.46
CA PHE B 36 4.67 2.31 -10.40
C PHE B 36 6.03 2.95 -10.17
N THR B 37 6.07 4.06 -9.45
CA THR B 37 7.32 4.74 -9.19
C THR B 37 7.50 5.01 -7.70
N GLU B 38 8.75 5.07 -7.26
CA GLU B 38 9.04 5.31 -5.86
C GLU B 38 8.63 6.73 -5.50
N ASP B 39 8.79 7.64 -6.46
CA ASP B 39 8.43 9.04 -6.25
C ASP B 39 6.93 9.20 -6.04
N ASP B 40 6.13 8.51 -6.85
CA ASP B 40 4.68 8.60 -6.75
C ASP B 40 4.19 8.13 -5.39
N VAL B 41 4.78 7.04 -4.89
CA VAL B 41 4.38 6.54 -3.57
C VAL B 41 4.89 7.46 -2.47
N GLU B 42 5.96 8.19 -2.75
CA GLU B 42 6.49 9.12 -1.76
C GLU B 42 5.45 10.21 -1.50
N GLN B 43 4.95 10.80 -2.58
CA GLN B 43 3.94 11.86 -2.48
C GLN B 43 2.62 11.28 -1.96
N ALA B 44 2.26 10.10 -2.46
CA ALA B 44 1.02 9.44 -2.05
C ALA B 44 1.04 9.14 -0.55
N ALA B 45 2.19 8.67 -0.07
CA ALA B 45 2.35 8.35 1.34
C ALA B 45 2.25 9.62 2.17
N ASP B 46 2.84 10.68 1.65
CA ASP B 46 2.82 11.96 2.32
C ASP B 46 1.40 12.48 2.50
N GLU B 47 0.58 12.29 1.48
CA GLU B 47 -0.81 12.73 1.53
C GLU B 47 -1.71 11.65 2.12
N GLY B 48 -1.12 10.51 2.47
CA GLY B 48 -1.89 9.40 3.04
C GLY B 48 -2.15 8.35 1.97
N PHE B 49 -2.23 7.09 2.38
CA PHE B 49 -2.48 6.02 1.43
C PHE B 49 -3.69 5.18 1.82
N ASP B 50 -4.60 5.01 0.87
CA ASP B 50 -5.80 4.22 1.11
C ASP B 50 -5.78 2.96 0.26
N CYS B 51 -5.93 1.81 0.91
CA CYS B 51 -5.94 0.54 0.19
C CYS B 51 -7.22 0.40 -0.62
N VAL B 52 -7.29 -0.64 -1.44
CA VAL B 52 -8.45 -0.88 -2.26
C VAL B 52 -9.73 -0.98 -1.43
N SER B 53 -9.61 -1.44 -0.18
CA SER B 53 -10.77 -1.58 0.69
C SER B 53 -11.34 -0.23 1.14
N CYS B 54 -10.45 0.71 1.45
CA CYS B 54 -10.85 2.02 1.92
C CYS B 54 -11.66 2.81 0.89
N GLN B 55 -11.29 2.72 -0.37
CA GLN B 55 -11.99 3.48 -1.40
C GLN B 55 -13.50 3.21 -1.40
N PRO B 56 -13.96 1.98 -1.53
CA PRO B 56 -15.42 1.68 -1.54
C PRO B 56 -16.11 1.91 -0.18
N TYR B 57 -15.42 1.61 0.93
CA TYR B 57 -16.05 1.81 2.24
C TYR B 57 -16.15 3.29 2.59
N VAL B 58 -15.09 4.04 2.28
CA VAL B 58 -15.06 5.47 2.56
C VAL B 58 -16.11 6.22 1.76
N VAL B 59 -16.25 5.86 0.50
CA VAL B 59 -17.21 6.51 -0.36
C VAL B 59 -18.42 5.60 -0.61
N LYS B 60 -19.60 6.11 -0.29
CA LYS B 60 -20.83 5.35 -0.49
C LYS B 60 -21.74 6.03 -1.50
N GLY A 1 -0.03 6.70 18.18
CA GLY A 1 1.11 6.90 17.25
C GLY A 1 1.18 5.72 16.28
N VAL A 2 0.12 5.55 15.49
CA VAL A 2 0.07 4.46 14.52
C VAL A 2 -0.34 4.99 13.15
N GLY A 3 0.00 4.25 12.10
CA GLY A 3 -0.35 4.65 10.75
C GLY A 3 0.35 3.77 9.72
N GLY A 4 0.11 4.07 8.44
CA GLY A 4 0.72 3.29 7.37
C GLY A 4 2.08 3.86 6.99
N SER A 5 2.63 3.37 5.89
CA SER A 5 3.94 3.82 5.42
C SER A 5 4.32 3.09 4.15
N TRP A 6 5.42 3.50 3.53
CA TRP A 6 5.86 2.84 2.31
C TRP A 6 7.35 2.53 2.41
N GLY A 7 7.79 1.45 1.78
CA GLY A 7 9.20 1.08 1.83
C GLY A 7 9.75 0.75 0.45
N VAL A 8 11.08 0.81 0.33
CA VAL A 8 11.74 0.53 -0.94
C VAL A 8 12.50 -0.79 -0.85
N PHE A 9 12.46 -1.57 -1.91
CA PHE A 9 13.15 -2.86 -1.93
C PHE A 9 13.52 -3.26 -3.34
N SER B 1 -0.13 -8.87 8.25
CA SER B 1 -0.26 -7.97 7.07
C SER B 1 1.12 -7.68 6.48
N LEU B 2 2.15 -7.84 7.29
CA LEU B 2 3.52 -7.57 6.85
C LEU B 2 4.13 -8.79 6.15
N VAL B 3 3.33 -9.47 5.32
CA VAL B 3 3.81 -10.64 4.60
C VAL B 3 2.69 -11.26 3.76
N THR B 4 1.44 -11.03 4.17
CA THR B 4 0.30 -11.59 3.44
C THR B 4 -0.56 -10.48 2.83
N CYS B 5 -0.81 -10.59 1.53
CA CYS B 5 -1.64 -9.63 0.81
C CYS B 5 -2.91 -10.32 0.31
N PRO B 6 -4.06 -10.09 0.90
CA PRO B 6 -5.33 -10.75 0.46
C PRO B 6 -5.77 -10.34 -0.94
N ILE B 7 -5.29 -9.18 -1.39
CA ILE B 7 -5.66 -8.68 -2.72
C ILE B 7 -5.19 -9.61 -3.82
N CYS B 8 -3.94 -10.06 -3.75
CA CYS B 8 -3.38 -10.95 -4.77
C CYS B 8 -3.02 -12.31 -4.19
N HIS B 9 -3.03 -12.41 -2.86
CA HIS B 9 -2.69 -13.67 -2.19
C HIS B 9 -1.29 -14.14 -2.58
N ALA B 10 -0.30 -13.25 -2.48
CA ALA B 10 1.07 -13.63 -2.82
C ALA B 10 2.09 -12.83 -2.01
N PRO B 11 3.22 -13.42 -1.65
CA PRO B 11 4.28 -12.73 -0.88
C PRO B 11 5.20 -11.90 -1.77
N TYR B 12 5.96 -10.98 -1.19
CA TYR B 12 6.88 -10.16 -1.95
C TYR B 12 8.35 -10.46 -1.59
N VAL B 13 8.56 -11.44 -0.70
CA VAL B 13 9.92 -11.83 -0.27
C VAL B 13 10.82 -10.62 -0.11
N GLU B 14 10.23 -9.53 0.33
CA GLU B 14 10.94 -8.28 0.55
C GLU B 14 11.90 -7.97 -0.62
N GLU B 15 11.31 -7.67 -1.77
CA GLU B 15 12.10 -7.35 -2.96
C GLU B 15 11.40 -6.28 -3.81
N ASP B 16 10.09 -6.41 -3.96
CA ASP B 16 9.31 -5.48 -4.76
C ASP B 16 8.97 -4.21 -3.97
N LEU B 17 8.36 -3.25 -4.65
CA LEU B 17 7.97 -1.99 -4.02
C LEU B 17 6.85 -2.23 -3.00
N LEU B 18 6.99 -1.62 -1.83
CA LEU B 18 5.99 -1.80 -0.78
C LEU B 18 5.27 -0.49 -0.47
N ILE B 19 3.95 -0.58 -0.32
CA ILE B 19 3.14 0.59 0.01
C ILE B 19 2.02 0.17 0.97
N GLN B 20 1.90 0.88 2.09
CA GLN B 20 0.85 0.54 3.05
C GLN B 20 -0.09 1.71 3.31
N CYS B 21 -1.36 1.46 3.04
CA CYS B 21 -2.41 2.44 3.26
C CYS B 21 -2.43 2.85 4.72
N ARG B 22 -2.40 4.16 4.94
CA ARG B 22 -2.38 4.70 6.30
C ARG B 22 -3.77 4.69 6.91
N HIS B 23 -4.79 4.77 6.07
CA HIS B 23 -6.15 4.77 6.56
C HIS B 23 -6.47 3.45 7.26
N CYS B 24 -6.02 2.35 6.66
CA CYS B 24 -6.30 1.03 7.24
C CYS B 24 -5.02 0.35 7.75
N GLU B 25 -3.87 0.95 7.50
CA GLU B 25 -2.59 0.37 7.93
C GLU B 25 -2.41 -1.04 7.37
N ARG B 26 -2.48 -1.17 6.05
CA ARG B 26 -2.32 -2.48 5.42
C ARG B 26 -1.25 -2.47 4.34
N TRP B 27 -0.31 -3.44 4.40
CA TRP B 27 0.77 -3.53 3.41
C TRP B 27 0.27 -4.20 2.14
N MET B 28 0.50 -3.55 1.00
CA MET B 28 0.08 -4.09 -0.29
C MET B 28 1.15 -3.84 -1.34
N HIS B 29 1.18 -4.70 -2.34
CA HIS B 29 2.15 -4.55 -3.44
C HIS B 29 1.80 -3.31 -4.24
N ALA B 30 2.81 -2.71 -4.87
CA ALA B 30 2.57 -1.52 -5.67
C ALA B 30 1.61 -1.86 -6.81
N GLY B 31 1.80 -3.05 -7.38
CA GLY B 31 0.94 -3.52 -8.47
C GLY B 31 -0.50 -3.65 -8.00
N CYS B 32 -0.69 -4.11 -6.77
CA CYS B 32 -2.03 -4.28 -6.22
C CYS B 32 -2.77 -2.95 -6.19
N GLU B 33 -2.06 -1.89 -5.79
CA GLU B 33 -2.67 -0.56 -5.73
C GLU B 33 -2.47 0.20 -7.05
N SER B 34 -1.72 -0.39 -7.98
CA SER B 34 -1.49 0.24 -9.28
C SER B 34 -0.64 1.51 -9.15
N LEU B 35 0.53 1.39 -8.53
CA LEU B 35 1.42 2.55 -8.39
C LEU B 35 2.31 2.65 -9.63
N PHE B 36 2.78 3.86 -9.94
CA PHE B 36 3.61 4.06 -11.13
C PHE B 36 5.07 3.72 -10.85
N THR B 37 5.73 4.57 -10.08
CA THR B 37 7.14 4.37 -9.76
C THR B 37 7.38 4.60 -8.27
N GLU B 38 8.64 4.46 -7.86
CA GLU B 38 9.00 4.66 -6.46
C GLU B 38 8.68 6.09 -6.06
N ASP B 39 8.90 7.02 -6.99
CA ASP B 39 8.65 8.43 -6.75
C ASP B 39 7.15 8.68 -6.54
N ASP B 40 6.32 8.02 -7.35
CA ASP B 40 4.87 8.20 -7.26
C ASP B 40 4.36 7.78 -5.89
N VAL B 41 4.80 6.61 -5.45
CA VAL B 41 4.37 6.10 -4.15
C VAL B 41 4.92 6.95 -3.03
N GLU B 42 6.03 7.63 -3.29
CA GLU B 42 6.61 8.50 -2.26
C GLU B 42 5.65 9.65 -1.98
N GLN B 43 5.21 10.29 -3.07
CA GLN B 43 4.28 11.40 -2.95
C GLN B 43 2.91 10.92 -2.45
N ALA B 44 2.46 9.77 -2.96
CA ALA B 44 1.17 9.21 -2.55
C ALA B 44 1.18 8.89 -1.05
N ALA B 45 2.26 8.30 -0.61
CA ALA B 45 2.43 7.93 0.79
C ALA B 45 2.47 9.17 1.68
N ASP B 46 3.15 10.21 1.21
CA ASP B 46 3.28 11.44 1.99
C ASP B 46 1.91 12.05 2.27
N GLU B 47 1.09 12.16 1.23
CA GLU B 47 -0.24 12.73 1.39
C GLU B 47 -1.09 11.84 2.30
N GLY B 48 -0.93 10.54 2.15
CA GLY B 48 -1.69 9.59 2.98
C GLY B 48 -1.89 8.28 2.23
N PHE B 49 -2.33 8.38 0.98
CA PHE B 49 -2.57 7.21 0.14
C PHE B 49 -3.66 6.31 0.71
N ASP B 50 -4.57 5.88 -0.14
CA ASP B 50 -5.67 5.01 0.26
C ASP B 50 -5.68 3.73 -0.57
N CYS B 51 -5.98 2.59 0.07
CA CYS B 51 -6.03 1.32 -0.64
C CYS B 51 -7.39 1.13 -1.30
N VAL B 52 -7.49 0.09 -2.13
CA VAL B 52 -8.73 -0.21 -2.83
C VAL B 52 -9.86 -0.55 -1.87
N SER B 53 -9.55 -0.74 -0.59
CA SER B 53 -10.57 -1.09 0.39
C SER B 53 -11.33 0.16 0.89
N CYS B 54 -10.58 1.07 1.52
CA CYS B 54 -11.17 2.28 2.06
C CYS B 54 -11.67 3.21 0.97
N GLN B 55 -11.11 3.15 -0.22
CA GLN B 55 -11.58 4.02 -1.28
C GLN B 55 -13.08 3.82 -1.55
N PRO B 56 -13.53 2.63 -1.89
CA PRO B 56 -14.98 2.37 -2.14
C PRO B 56 -15.85 2.47 -0.89
N TYR B 57 -15.36 2.05 0.28
CA TYR B 57 -16.20 2.16 1.48
C TYR B 57 -16.36 3.61 1.92
N VAL B 58 -15.27 4.38 1.84
CA VAL B 58 -15.31 5.78 2.22
C VAL B 58 -16.21 6.56 1.26
N VAL B 59 -16.05 6.28 -0.03
CA VAL B 59 -16.84 6.95 -1.03
C VAL B 59 -18.31 6.63 -0.86
N LYS B 60 -18.59 5.36 -0.60
CA LYS B 60 -19.97 4.91 -0.42
C LYS B 60 -20.21 4.53 1.04
N GLY A 1 -6.87 11.15 9.45
CA GLY A 1 -6.31 9.97 8.72
C GLY A 1 -5.41 10.44 7.58
N VAL A 2 -4.16 10.74 7.91
CA VAL A 2 -3.21 11.20 6.91
C VAL A 2 -1.90 10.42 7.00
N GLY A 3 -1.15 10.41 5.91
CA GLY A 3 0.13 9.69 5.88
C GLY A 3 -0.09 8.21 5.59
N GLY A 4 1.01 7.47 5.49
CA GLY A 4 0.92 6.04 5.21
C GLY A 4 2.22 5.32 5.58
N SER A 5 2.12 4.03 5.86
CA SER A 5 3.29 3.24 6.21
C SER A 5 4.13 2.98 4.97
N TRP A 6 5.45 2.89 5.14
CA TRP A 6 6.34 2.66 3.99
C TRP A 6 7.00 1.28 4.07
N GLY A 7 6.97 0.55 2.96
CA GLY A 7 7.56 -0.78 2.92
C GLY A 7 8.76 -0.84 1.98
N VAL A 8 9.92 -0.39 2.47
CA VAL A 8 11.13 -0.42 1.67
C VAL A 8 11.74 -1.81 1.72
N PHE A 9 11.83 -2.46 0.57
CA PHE A 9 12.38 -3.81 0.49
C PHE A 9 13.42 -3.92 -0.62
N SER B 1 0.67 -8.23 8.01
CA SER B 1 0.06 -8.88 6.81
C SER B 1 1.15 -9.20 5.80
N LEU B 2 2.34 -9.53 6.29
CA LEU B 2 3.45 -9.86 5.42
C LEU B 2 3.20 -11.18 4.71
N VAL B 3 3.67 -11.26 3.45
CA VAL B 3 3.50 -12.45 2.63
C VAL B 3 2.05 -12.62 2.15
N THR B 4 1.15 -11.76 2.62
CA THR B 4 -0.25 -11.84 2.21
C THR B 4 -0.76 -10.46 1.80
N CYS B 5 -1.44 -10.40 0.66
CA CYS B 5 -1.97 -9.14 0.16
C CYS B 5 -3.49 -9.25 -0.07
N PRO B 6 -4.29 -8.31 0.35
CA PRO B 6 -5.78 -8.40 0.16
C PRO B 6 -6.20 -8.27 -1.31
N ILE B 7 -5.45 -7.48 -2.07
CA ILE B 7 -5.78 -7.26 -3.48
C ILE B 7 -5.52 -8.49 -4.36
N CYS B 8 -4.40 -9.16 -4.16
CA CYS B 8 -4.07 -10.33 -4.99
C CYS B 8 -3.73 -11.57 -4.17
N HIS B 9 -3.41 -11.39 -2.89
CA HIS B 9 -3.06 -12.53 -2.05
C HIS B 9 -1.90 -13.31 -2.67
N ALA B 10 -0.95 -12.59 -3.23
CA ALA B 10 0.18 -13.24 -3.88
C ALA B 10 1.46 -13.12 -3.02
N PRO B 11 2.03 -14.21 -2.55
CA PRO B 11 3.28 -14.17 -1.74
C PRO B 11 4.42 -13.49 -2.51
N TYR B 12 5.35 -12.88 -1.79
CA TYR B 12 6.45 -12.18 -2.43
C TYR B 12 7.77 -12.39 -1.70
N VAL B 13 8.85 -12.07 -2.41
CA VAL B 13 10.19 -12.19 -1.86
C VAL B 13 10.80 -10.80 -1.76
N GLU B 14 11.39 -10.48 -0.61
CA GLU B 14 11.98 -9.16 -0.39
C GLU B 14 12.81 -8.72 -1.60
N GLU B 15 12.35 -7.63 -2.22
CA GLU B 15 13.00 -7.05 -3.40
C GLU B 15 12.05 -6.07 -4.08
N ASP B 16 10.78 -6.45 -4.17
CA ASP B 16 9.76 -5.61 -4.80
C ASP B 16 9.40 -4.42 -3.93
N LEU B 17 8.89 -3.38 -4.58
CA LEU B 17 8.48 -2.18 -3.89
C LEU B 17 7.22 -2.46 -3.07
N LEU B 18 7.27 -2.18 -1.77
CA LEU B 18 6.10 -2.43 -0.91
C LEU B 18 5.64 -1.19 -0.16
N ILE B 19 4.35 -1.13 0.07
CA ILE B 19 3.75 -0.03 0.82
C ILE B 19 2.62 -0.58 1.69
N GLN B 20 2.42 0.03 2.85
CA GLN B 20 1.40 -0.43 3.78
C GLN B 20 0.40 0.67 4.13
N CYS B 21 -0.88 0.30 4.13
CA CYS B 21 -1.95 1.22 4.48
C CYS B 21 -2.01 1.35 5.99
N ARG B 22 -1.74 2.55 6.50
CA ARG B 22 -1.72 2.78 7.94
C ARG B 22 -3.13 2.75 8.53
N HIS B 23 -4.14 2.95 7.71
CA HIS B 23 -5.51 2.96 8.20
C HIS B 23 -5.86 1.62 8.85
N CYS B 24 -5.50 0.53 8.17
CA CYS B 24 -5.80 -0.81 8.68
C CYS B 24 -4.53 -1.66 8.79
N GLU B 25 -3.36 -1.04 8.63
CA GLU B 25 -2.10 -1.76 8.73
C GLU B 25 -2.06 -3.00 7.84
N ARG B 26 -2.18 -2.80 6.53
CA ARG B 26 -2.16 -3.92 5.59
C ARG B 26 -1.00 -3.80 4.61
N TRP B 27 -0.19 -4.84 4.50
CA TRP B 27 0.96 -4.83 3.58
C TRP B 27 0.51 -5.29 2.20
N MET B 28 0.99 -4.61 1.16
CA MET B 28 0.62 -4.98 -0.20
C MET B 28 1.67 -4.52 -1.21
N HIS B 29 1.59 -5.08 -2.42
CA HIS B 29 2.53 -4.75 -3.47
C HIS B 29 2.25 -3.38 -4.06
N ALA B 30 3.30 -2.66 -4.41
CA ALA B 30 3.15 -1.34 -5.00
C ALA B 30 2.42 -1.46 -6.33
N GLY B 31 2.76 -2.50 -7.10
CA GLY B 31 2.15 -2.71 -8.41
C GLY B 31 0.64 -2.91 -8.31
N CYS B 32 0.20 -3.71 -7.34
CA CYS B 32 -1.24 -3.95 -7.18
C CYS B 32 -1.94 -2.71 -6.60
N GLU B 33 -1.14 -1.76 -6.10
CA GLU B 33 -1.70 -0.53 -5.54
C GLU B 33 -1.65 0.62 -6.56
N SER B 34 -1.33 0.29 -7.81
CA SER B 34 -1.28 1.29 -8.89
C SER B 34 -0.07 2.22 -8.76
N LEU B 35 0.94 1.82 -7.98
CA LEU B 35 2.13 2.65 -7.84
C LEU B 35 3.07 2.39 -9.01
N PHE B 36 3.72 3.45 -9.52
CA PHE B 36 4.61 3.30 -10.65
C PHE B 36 6.08 3.38 -10.25
N THR B 37 6.46 4.43 -9.54
CA THR B 37 7.86 4.60 -9.14
C THR B 37 7.99 5.07 -7.69
N GLU B 38 9.23 5.12 -7.21
CA GLU B 38 9.52 5.55 -5.85
C GLU B 38 9.02 6.97 -5.63
N ASP B 39 9.20 7.82 -6.63
CA ASP B 39 8.74 9.19 -6.53
C ASP B 39 7.22 9.23 -6.33
N ASP B 40 6.53 8.34 -7.05
CA ASP B 40 5.07 8.27 -6.97
C ASP B 40 4.60 7.94 -5.56
N VAL B 41 5.17 6.89 -4.98
CA VAL B 41 4.78 6.51 -3.62
C VAL B 41 5.23 7.54 -2.61
N GLU B 42 6.27 8.30 -2.95
CA GLU B 42 6.71 9.35 -2.05
C GLU B 42 5.57 10.36 -1.87
N GLN B 43 5.00 10.79 -2.98
CA GLN B 43 3.88 11.72 -2.96
C GLN B 43 2.64 11.09 -2.34
N ALA B 44 2.38 9.83 -2.68
CA ALA B 44 1.21 9.13 -2.16
C ALA B 44 1.28 9.01 -0.64
N ALA B 45 2.45 8.70 -0.14
CA ALA B 45 2.65 8.56 1.30
C ALA B 45 2.42 9.88 2.03
N ASP B 46 2.90 10.97 1.44
CA ASP B 46 2.75 12.28 2.06
C ASP B 46 1.27 12.66 2.19
N GLU B 47 0.54 12.50 1.09
CA GLU B 47 -0.89 12.83 1.09
C GLU B 47 -1.65 11.89 2.03
N GLY B 48 -1.24 10.63 2.01
CA GLY B 48 -1.88 9.62 2.83
C GLY B 48 -2.13 8.37 1.99
N PHE B 49 -1.63 7.23 2.45
CA PHE B 49 -1.80 6.00 1.70
C PHE B 49 -3.05 5.25 2.12
N ASP B 50 -3.95 5.04 1.17
CA ASP B 50 -5.19 4.33 1.42
C ASP B 50 -5.30 3.13 0.49
N CYS B 51 -5.52 1.95 1.06
CA CYS B 51 -5.65 0.75 0.27
C CYS B 51 -7.00 0.70 -0.43
N VAL B 52 -7.18 -0.30 -1.28
CA VAL B 52 -8.42 -0.45 -2.02
C VAL B 52 -9.65 -0.54 -1.12
N SER B 53 -9.49 -1.11 0.08
CA SER B 53 -10.63 -1.25 0.99
C SER B 53 -11.09 0.08 1.59
N CYS B 54 -10.11 0.92 1.95
CA CYS B 54 -10.41 2.22 2.57
C CYS B 54 -11.22 3.14 1.66
N GLN B 55 -10.92 3.15 0.37
CA GLN B 55 -11.63 4.03 -0.55
C GLN B 55 -13.15 3.84 -0.51
N PRO B 56 -13.67 2.66 -0.74
CA PRO B 56 -15.16 2.42 -0.70
C PRO B 56 -15.78 2.56 0.68
N TYR B 57 -15.06 2.15 1.73
CA TYR B 57 -15.63 2.25 3.08
C TYR B 57 -15.64 3.70 3.54
N VAL B 58 -14.58 4.44 3.24
CA VAL B 58 -14.49 5.84 3.62
C VAL B 58 -15.54 6.67 2.90
N VAL B 59 -15.72 6.41 1.62
CA VAL B 59 -16.69 7.15 0.84
C VAL B 59 -17.90 6.29 0.50
N LYS B 60 -19.08 6.77 0.88
CA LYS B 60 -20.31 6.04 0.62
C LYS B 60 -20.57 5.94 -0.88
N GLY A 1 -1.66 6.79 16.42
CA GLY A 1 -1.23 5.40 16.10
C GLY A 1 -0.01 5.42 15.20
N VAL A 2 0.52 4.24 14.91
CA VAL A 2 1.71 4.14 14.05
C VAL A 2 1.41 4.70 12.66
N GLY A 3 0.26 4.33 12.12
CA GLY A 3 -0.13 4.81 10.79
C GLY A 3 0.50 3.96 9.69
N GLY A 4 0.25 4.35 8.44
CA GLY A 4 0.79 3.63 7.30
C GLY A 4 2.20 4.08 6.98
N SER A 5 2.77 3.52 5.92
CA SER A 5 4.13 3.88 5.52
C SER A 5 4.49 3.21 4.21
N TRP A 6 5.57 3.67 3.58
CA TRP A 6 6.00 3.07 2.33
C TRP A 6 7.49 2.76 2.39
N GLY A 7 7.93 1.73 1.67
CA GLY A 7 9.35 1.37 1.68
C GLY A 7 9.84 0.95 0.30
N VAL A 8 11.16 1.06 0.09
CA VAL A 8 11.76 0.69 -1.18
C VAL A 8 12.63 -0.55 -1.02
N PHE A 9 12.66 -1.38 -2.06
CA PHE A 9 13.46 -2.59 -2.02
C PHE A 9 14.54 -2.55 -3.10
N SER B 1 0.22 -7.61 8.11
CA SER B 1 0.10 -7.57 6.62
C SER B 1 1.45 -7.87 5.97
N LEU B 2 2.52 -7.84 6.76
CA LEU B 2 3.85 -8.12 6.23
C LEU B 2 3.93 -9.57 5.77
N VAL B 3 3.10 -10.43 6.35
CA VAL B 3 3.11 -11.83 5.98
C VAL B 3 2.66 -12.01 4.52
N THR B 4 1.56 -11.37 4.15
CA THR B 4 1.04 -11.47 2.79
C THR B 4 0.06 -10.34 2.49
N CYS B 5 -0.06 -10.00 1.21
CA CYS B 5 -0.98 -8.96 0.78
C CYS B 5 -2.39 -9.56 0.61
N PRO B 6 -3.39 -9.14 1.36
CA PRO B 6 -4.76 -9.72 1.24
C PRO B 6 -5.34 -9.68 -0.18
N ILE B 7 -4.99 -8.63 -0.92
CA ILE B 7 -5.50 -8.46 -2.28
C ILE B 7 -5.10 -9.60 -3.22
N CYS B 8 -3.84 -10.01 -3.19
CA CYS B 8 -3.36 -11.06 -4.09
C CYS B 8 -2.88 -12.32 -3.35
N HIS B 9 -2.91 -12.29 -2.02
CA HIS B 9 -2.46 -13.44 -1.23
C HIS B 9 -1.10 -13.93 -1.72
N ALA B 10 -0.21 -12.98 -2.02
CA ALA B 10 1.12 -13.35 -2.50
C ALA B 10 2.01 -13.87 -1.38
N PRO B 11 3.02 -14.65 -1.72
CA PRO B 11 3.96 -15.21 -0.71
C PRO B 11 4.80 -14.11 -0.04
N TYR B 12 4.84 -12.94 -0.68
CA TYR B 12 5.60 -11.81 -0.16
C TYR B 12 7.10 -12.00 -0.35
N VAL B 13 7.52 -11.99 -1.60
CA VAL B 13 8.93 -12.16 -1.93
C VAL B 13 9.74 -10.97 -1.42
N GLU B 14 9.05 -9.92 -0.98
CA GLU B 14 9.71 -8.71 -0.48
C GLU B 14 10.92 -8.33 -1.33
N GLU B 15 10.66 -8.14 -2.61
CA GLU B 15 11.73 -7.77 -3.54
C GLU B 15 11.20 -6.72 -4.53
N ASP B 16 10.19 -5.98 -4.11
CA ASP B 16 9.60 -4.96 -4.98
C ASP B 16 9.14 -3.76 -4.16
N LEU B 17 8.56 -2.78 -4.84
CA LEU B 17 8.09 -1.56 -4.19
C LEU B 17 6.99 -1.87 -3.18
N LEU B 18 7.13 -1.32 -1.97
CA LEU B 18 6.14 -1.56 -0.92
C LEU B 18 5.44 -0.28 -0.50
N ILE B 19 4.15 -0.39 -0.22
CA ILE B 19 3.35 0.75 0.21
C ILE B 19 2.26 0.29 1.18
N GLN B 20 2.00 1.08 2.23
CA GLN B 20 0.97 0.71 3.20
C GLN B 20 0.00 1.85 3.46
N CYS B 21 -1.28 1.54 3.23
CA CYS B 21 -2.38 2.47 3.43
C CYS B 21 -2.42 2.90 4.89
N ARG B 22 -2.43 4.22 5.09
CA ARG B 22 -2.45 4.80 6.43
C ARG B 22 -3.80 4.62 7.11
N HIS B 23 -4.88 4.75 6.35
CA HIS B 23 -6.22 4.62 6.91
C HIS B 23 -6.44 3.26 7.54
N CYS B 24 -6.02 2.21 6.85
CA CYS B 24 -6.22 0.86 7.36
C CYS B 24 -4.91 0.22 7.86
N GLU B 25 -3.79 0.91 7.66
CA GLU B 25 -2.49 0.40 8.10
C GLU B 25 -2.23 -0.99 7.54
N ARG B 26 -2.30 -1.12 6.21
CA ARG B 26 -2.06 -2.43 5.58
C ARG B 26 -1.01 -2.38 4.47
N TRP B 27 -0.02 -3.28 4.54
CA TRP B 27 1.04 -3.34 3.53
C TRP B 27 0.56 -4.08 2.29
N MET B 28 0.80 -3.48 1.12
CA MET B 28 0.41 -4.10 -0.14
C MET B 28 1.39 -3.73 -1.23
N HIS B 29 1.41 -4.52 -2.31
CA HIS B 29 2.32 -4.27 -3.41
C HIS B 29 1.87 -3.03 -4.18
N ALA B 30 2.81 -2.27 -4.68
CA ALA B 30 2.49 -1.07 -5.43
C ALA B 30 1.68 -1.42 -6.69
N GLY B 31 2.06 -2.51 -7.33
CA GLY B 31 1.36 -2.94 -8.55
C GLY B 31 -0.11 -3.25 -8.28
N CYS B 32 -0.40 -3.94 -7.19
CA CYS B 32 -1.78 -4.27 -6.87
C CYS B 32 -2.50 -3.07 -6.26
N GLU B 33 -1.75 -2.01 -5.94
CA GLU B 33 -2.35 -0.80 -5.36
C GLU B 33 -2.41 0.34 -6.39
N SER B 34 -2.19 0.01 -7.66
CA SER B 34 -2.25 1.00 -8.73
C SER B 34 -1.25 2.15 -8.58
N LEU B 35 -0.02 1.84 -8.20
CA LEU B 35 1.00 2.89 -8.09
C LEU B 35 1.80 2.93 -9.41
N PHE B 36 2.33 4.10 -9.75
CA PHE B 36 3.06 4.23 -11.02
C PHE B 36 4.57 4.04 -10.84
N THR B 37 5.17 4.86 -10.00
CA THR B 37 6.61 4.76 -9.78
C THR B 37 6.95 4.88 -8.31
N GLU B 38 8.21 4.60 -7.98
CA GLU B 38 8.66 4.69 -6.60
C GLU B 38 8.50 6.13 -6.13
N ASP B 39 8.76 7.05 -7.05
CA ASP B 39 8.63 8.47 -6.76
C ASP B 39 7.16 8.83 -6.52
N ASP B 40 6.29 8.23 -7.32
CA ASP B 40 4.85 8.49 -7.22
C ASP B 40 4.34 8.13 -5.83
N VAL B 41 4.72 6.94 -5.37
CA VAL B 41 4.30 6.49 -4.04
C VAL B 41 4.93 7.33 -2.96
N GLU B 42 6.09 7.90 -3.24
CA GLU B 42 6.74 8.74 -2.23
C GLU B 42 5.80 9.90 -1.91
N GLN B 43 5.27 10.52 -2.96
CA GLN B 43 4.34 11.63 -2.79
C GLN B 43 3.01 11.15 -2.22
N ALA B 44 2.54 9.99 -2.70
CA ALA B 44 1.27 9.44 -2.24
C ALA B 44 1.33 9.17 -0.73
N ALA B 45 2.44 8.61 -0.29
CA ALA B 45 2.62 8.30 1.12
C ALA B 45 2.63 9.57 1.96
N ASP B 46 3.31 10.61 1.46
CA ASP B 46 3.40 11.88 2.17
C ASP B 46 2.02 12.52 2.32
N GLU B 47 1.26 12.51 1.22
CA GLU B 47 -0.07 13.09 1.22
C GLU B 47 -1.12 12.09 1.72
N GLY B 48 -0.69 10.86 1.97
CA GLY B 48 -1.60 9.82 2.43
C GLY B 48 -2.02 8.93 1.27
N PHE B 49 -2.24 7.65 1.55
CA PHE B 49 -2.62 6.72 0.50
C PHE B 49 -3.75 5.79 0.97
N ASP B 50 -4.80 5.73 0.19
CA ASP B 50 -5.94 4.88 0.51
C ASP B 50 -5.91 3.64 -0.36
N CYS B 51 -6.07 2.48 0.26
CA CYS B 51 -6.06 1.22 -0.49
C CYS B 51 -7.41 0.96 -1.13
N VAL B 52 -7.44 -0.05 -1.99
CA VAL B 52 -8.65 -0.42 -2.71
C VAL B 52 -9.80 -0.77 -1.76
N SER B 53 -9.49 -0.96 -0.48
CA SER B 53 -10.52 -1.32 0.49
C SER B 53 -11.29 -0.07 0.99
N CYS B 54 -10.55 0.84 1.63
CA CYS B 54 -11.15 2.04 2.19
C CYS B 54 -11.68 2.98 1.12
N GLN B 55 -11.13 2.93 -0.10
CA GLN B 55 -11.62 3.82 -1.15
C GLN B 55 -13.11 3.59 -1.42
N PRO B 56 -13.52 2.39 -1.79
CA PRO B 56 -14.96 2.10 -2.08
C PRO B 56 -15.85 2.13 -0.84
N TYR B 57 -15.32 1.76 0.33
CA TYR B 57 -16.18 1.79 1.52
C TYR B 57 -16.43 3.23 1.96
N VAL B 58 -15.38 4.05 1.94
CA VAL B 58 -15.50 5.45 2.32
C VAL B 58 -16.41 6.20 1.36
N VAL B 59 -16.20 5.99 0.06
CA VAL B 59 -17.02 6.63 -0.97
C VAL B 59 -17.42 5.63 -2.05
N LYS B 60 -18.52 5.92 -2.73
CA LYS B 60 -19.01 5.04 -3.78
C LYS B 60 -19.96 5.79 -4.71
N GLY A 1 0.49 7.10 11.28
CA GLY A 1 1.82 7.73 11.57
C GLY A 1 2.19 8.67 10.42
N VAL A 2 1.76 9.93 10.54
CA VAL A 2 2.05 10.93 9.51
C VAL A 2 1.72 10.38 8.12
N GLY A 3 0.43 10.28 7.83
CA GLY A 3 -0.01 9.78 6.54
C GLY A 3 0.21 8.27 6.43
N GLY A 4 0.29 7.77 5.19
CA GLY A 4 0.51 6.35 4.97
C GLY A 4 1.95 5.98 5.30
N SER A 5 2.21 4.67 5.41
CA SER A 5 3.57 4.21 5.71
C SER A 5 4.10 3.35 4.58
N TRP A 6 5.22 3.76 4.01
CA TRP A 6 5.81 3.00 2.91
C TRP A 6 7.31 2.81 3.17
N GLY A 7 7.88 1.73 2.67
CA GLY A 7 9.31 1.47 2.86
C GLY A 7 9.85 0.54 1.79
N VAL A 8 11.16 0.36 1.79
CA VAL A 8 11.81 -0.51 0.80
C VAL A 8 12.34 -1.77 1.48
N PHE A 9 11.95 -2.92 0.95
CA PHE A 9 12.39 -4.20 1.51
C PHE A 9 12.85 -5.15 0.41
N SER B 1 -0.83 -9.17 7.52
CA SER B 1 -0.02 -8.53 6.44
C SER B 1 1.41 -9.03 6.51
N LEU B 2 2.30 -8.38 5.76
CA LEU B 2 3.71 -8.77 5.75
C LEU B 2 3.87 -10.21 5.27
N VAL B 3 4.40 -10.35 4.05
CA VAL B 3 4.60 -11.64 3.40
C VAL B 3 3.30 -12.16 2.78
N THR B 4 2.17 -11.59 3.17
CA THR B 4 0.88 -11.99 2.64
C THR B 4 0.09 -10.78 2.14
N CYS B 5 -0.43 -10.87 0.92
CA CYS B 5 -1.21 -9.78 0.36
C CYS B 5 -2.58 -10.30 -0.07
N PRO B 6 -3.68 -9.70 0.36
CA PRO B 6 -5.04 -10.19 0.00
C PRO B 6 -5.32 -10.13 -1.51
N ILE B 7 -4.65 -9.22 -2.19
CA ILE B 7 -4.82 -9.07 -3.63
C ILE B 7 -4.31 -10.31 -4.36
N CYS B 8 -3.16 -10.79 -3.93
CA CYS B 8 -2.56 -11.96 -4.56
C CYS B 8 -3.02 -13.23 -3.84
N HIS B 9 -3.46 -13.07 -2.59
CA HIS B 9 -3.95 -14.17 -1.77
C HIS B 9 -2.85 -15.14 -1.34
N ALA B 10 -1.59 -14.84 -1.71
CA ALA B 10 -0.48 -15.71 -1.32
C ALA B 10 0.87 -15.23 -1.86
N PRO B 11 1.00 -15.01 -3.15
CA PRO B 11 2.28 -14.56 -3.76
C PRO B 11 2.86 -13.32 -3.07
N TYR B 12 4.16 -13.34 -2.85
CA TYR B 12 4.86 -12.23 -2.20
C TYR B 12 6.29 -12.15 -2.75
N VAL B 13 6.70 -10.95 -3.16
CA VAL B 13 8.04 -10.79 -3.70
C VAL B 13 8.90 -9.88 -2.83
N GLU B 14 10.04 -10.39 -2.42
CA GLU B 14 10.96 -9.62 -1.59
C GLU B 14 11.76 -8.66 -2.46
N GLU B 15 12.51 -7.75 -1.82
CA GLU B 15 13.30 -6.78 -2.57
C GLU B 15 12.42 -5.98 -3.52
N ASP B 16 11.35 -5.40 -2.98
CA ASP B 16 10.43 -4.62 -3.79
C ASP B 16 9.83 -3.49 -2.97
N LEU B 17 9.27 -2.50 -3.65
CA LEU B 17 8.66 -1.36 -2.98
C LEU B 17 7.42 -1.76 -2.21
N LEU B 18 7.28 -1.23 -1.00
CA LEU B 18 6.14 -1.54 -0.15
C LEU B 18 5.33 -0.29 0.20
N ILE B 19 4.01 -0.46 0.27
CA ILE B 19 3.11 0.64 0.61
C ILE B 19 2.06 0.15 1.61
N GLN B 20 1.78 0.93 2.64
CA GLN B 20 0.81 0.51 3.66
C GLN B 20 -0.31 1.53 3.88
N CYS B 21 -1.54 1.01 3.86
CA CYS B 21 -2.72 1.83 4.09
C CYS B 21 -2.86 2.08 5.59
N ARG B 22 -2.82 3.35 5.98
CA ARG B 22 -2.90 3.73 7.38
C ARG B 22 -4.29 3.48 7.96
N HIS B 23 -5.30 3.50 7.10
CA HIS B 23 -6.67 3.29 7.56
C HIS B 23 -6.84 1.93 8.23
N CYS B 24 -6.34 0.88 7.60
CA CYS B 24 -6.46 -0.47 8.14
C CYS B 24 -5.10 -1.12 8.36
N GLU B 25 -4.03 -0.33 8.29
CA GLU B 25 -2.68 -0.85 8.49
C GLU B 25 -2.47 -2.13 7.68
N ARG B 26 -2.63 -2.04 6.36
CA ARG B 26 -2.44 -3.20 5.50
C ARG B 26 -1.25 -3.01 4.55
N TRP B 27 -0.36 -4.00 4.51
CA TRP B 27 0.82 -3.92 3.62
C TRP B 27 0.52 -4.58 2.28
N MET B 28 0.79 -3.86 1.19
CA MET B 28 0.56 -4.41 -0.14
C MET B 28 1.69 -4.03 -1.09
N HIS B 29 1.77 -4.77 -2.19
CA HIS B 29 2.77 -4.53 -3.20
C HIS B 29 2.47 -3.24 -3.95
N ALA B 30 3.52 -2.57 -4.42
CA ALA B 30 3.31 -1.34 -5.16
C ALA B 30 2.48 -1.61 -6.41
N GLY B 31 2.76 -2.76 -7.04
CA GLY B 31 2.04 -3.17 -8.23
C GLY B 31 0.55 -3.33 -7.94
N CYS B 32 0.23 -3.86 -6.75
CA CYS B 32 -1.16 -4.07 -6.38
C CYS B 32 -1.95 -2.76 -6.38
N GLU B 33 -1.35 -1.69 -5.89
CA GLU B 33 -2.03 -0.40 -5.86
C GLU B 33 -1.71 0.43 -7.11
N SER B 34 -1.06 -0.20 -8.09
CA SER B 34 -0.73 0.48 -9.34
C SER B 34 0.16 1.69 -9.10
N LEU B 35 1.11 1.57 -8.18
CA LEU B 35 2.04 2.67 -7.91
C LEU B 35 3.14 2.66 -8.97
N PHE B 36 3.46 3.83 -9.50
CA PHE B 36 4.50 3.93 -10.51
C PHE B 36 5.50 4.97 -10.05
N THR B 37 6.76 4.58 -10.05
CA THR B 37 7.85 5.46 -9.62
C THR B 37 7.85 5.56 -8.09
N GLU B 38 9.03 5.34 -7.52
CA GLU B 38 9.18 5.39 -6.07
C GLU B 38 8.85 6.78 -5.56
N ASP B 39 9.00 7.77 -6.43
CA ASP B 39 8.70 9.15 -6.06
C ASP B 39 7.20 9.32 -5.86
N ASP B 40 6.43 8.66 -6.73
CA ASP B 40 4.98 8.74 -6.67
C ASP B 40 4.47 8.19 -5.36
N VAL B 41 4.93 7.00 -5.00
CA VAL B 41 4.48 6.40 -3.74
C VAL B 41 4.99 7.20 -2.56
N GLU B 42 6.14 7.84 -2.71
CA GLU B 42 6.66 8.65 -1.63
C GLU B 42 5.66 9.77 -1.34
N GLN B 43 5.18 10.40 -2.40
CA GLN B 43 4.20 11.47 -2.27
C GLN B 43 2.86 10.94 -1.78
N ALA B 44 2.45 9.78 -2.31
CA ALA B 44 1.18 9.18 -1.92
C ALA B 44 1.19 8.87 -0.42
N ALA B 45 2.29 8.32 0.05
CA ALA B 45 2.44 7.98 1.45
C ALA B 45 2.42 9.23 2.32
N ASP B 46 3.10 10.28 1.87
CA ASP B 46 3.16 11.54 2.61
C ASP B 46 1.78 12.19 2.73
N GLU B 47 1.05 12.19 1.62
CA GLU B 47 -0.27 12.81 1.59
C GLU B 47 -1.35 11.84 2.11
N GLY B 48 -0.95 10.63 2.44
CA GLY B 48 -1.90 9.64 2.94
C GLY B 48 -2.24 8.66 1.83
N PHE B 49 -2.49 7.40 2.20
CA PHE B 49 -2.80 6.39 1.20
C PHE B 49 -3.99 5.53 1.63
N ASP B 50 -4.97 5.42 0.75
CA ASP B 50 -6.16 4.62 1.02
C ASP B 50 -6.16 3.40 0.10
N CYS B 51 -6.35 2.22 0.69
CA CYS B 51 -6.37 0.99 -0.09
C CYS B 51 -7.68 0.84 -0.85
N VAL B 52 -7.73 -0.18 -1.70
CA VAL B 52 -8.93 -0.42 -2.51
C VAL B 52 -10.16 -0.60 -1.63
N SER B 53 -9.99 -1.11 -0.41
CA SER B 53 -11.12 -1.32 0.49
C SER B 53 -11.70 0.00 1.01
N CYS B 54 -10.81 0.95 1.33
CA CYS B 54 -11.22 2.25 1.86
C CYS B 54 -12.09 3.04 0.90
N GLN B 55 -11.77 2.99 -0.38
CA GLN B 55 -12.53 3.78 -1.37
C GLN B 55 -14.03 3.47 -1.35
N PRO B 56 -14.47 2.24 -1.52
CA PRO B 56 -15.92 1.91 -1.50
C PRO B 56 -16.56 2.05 -0.12
N TYR B 57 -15.83 1.71 0.94
CA TYR B 57 -16.40 1.80 2.29
C TYR B 57 -16.50 3.25 2.77
N VAL B 58 -15.52 4.08 2.41
CA VAL B 58 -15.50 5.47 2.82
C VAL B 58 -16.51 6.27 2.00
N VAL B 59 -16.70 5.86 0.74
CA VAL B 59 -17.64 6.54 -0.11
C VAL B 59 -18.87 5.67 -0.30
N LYS B 60 -20.02 6.19 0.14
CA LYS B 60 -21.27 5.45 0.03
C LYS B 60 -21.10 4.00 0.46
N GLY A 1 -2.59 13.39 10.36
CA GLY A 1 -1.80 12.74 11.45
C GLY A 1 -0.65 11.94 10.84
N VAL A 2 -0.42 10.74 11.37
CA VAL A 2 0.64 9.89 10.87
C VAL A 2 0.19 8.44 10.80
N GLY A 3 0.55 7.76 9.72
CA GLY A 3 0.18 6.36 9.54
C GLY A 3 0.69 5.84 8.20
N GLY A 4 0.48 4.55 7.95
CA GLY A 4 0.92 3.93 6.71
C GLY A 4 2.40 3.62 6.77
N SER A 5 2.90 2.88 5.79
CA SER A 5 4.33 2.56 5.79
C SER A 5 4.79 2.03 4.43
N TRP A 6 5.88 2.58 3.92
CA TRP A 6 6.41 2.13 2.64
C TRP A 6 7.91 1.88 2.78
N GLY A 7 8.45 0.93 2.03
CA GLY A 7 9.88 0.64 2.11
C GLY A 7 10.30 -0.42 1.09
N VAL A 8 11.59 -0.70 1.06
CA VAL A 8 12.13 -1.71 0.15
C VAL A 8 12.63 -2.91 0.93
N PHE A 9 12.16 -4.09 0.58
CA PHE A 9 12.59 -5.31 1.27
C PHE A 9 13.63 -6.06 0.44
N SER B 1 1.11 -6.69 8.00
CA SER B 1 0.52 -7.48 6.89
C SER B 1 1.63 -7.80 5.87
N LEU B 2 2.85 -7.98 6.36
CA LEU B 2 3.98 -8.29 5.50
C LEU B 2 3.86 -9.72 4.95
N VAL B 3 4.31 -9.89 3.71
CA VAL B 3 4.27 -11.19 3.04
C VAL B 3 2.83 -11.57 2.65
N THR B 4 1.86 -10.73 3.00
CA THR B 4 0.46 -11.02 2.65
C THR B 4 -0.22 -9.76 2.11
N CYS B 5 -0.87 -9.89 0.96
CA CYS B 5 -1.56 -8.75 0.36
C CYS B 5 -2.99 -9.16 -0.06
N PRO B 6 -4.02 -8.71 0.63
CA PRO B 6 -5.44 -9.06 0.31
C PRO B 6 -5.84 -8.69 -1.14
N ILE B 7 -5.20 -7.66 -1.69
CA ILE B 7 -5.51 -7.23 -3.06
C ILE B 7 -5.29 -8.33 -4.08
N CYS B 8 -4.15 -9.00 -4.00
CA CYS B 8 -3.85 -10.07 -4.93
C CYS B 8 -3.84 -11.44 -4.24
N HIS B 9 -4.11 -11.44 -2.94
CA HIS B 9 -4.17 -12.68 -2.16
C HIS B 9 -2.97 -13.58 -2.47
N ALA B 10 -1.80 -12.97 -2.70
CA ALA B 10 -0.61 -13.76 -2.99
C ALA B 10 0.57 -13.28 -2.16
N PRO B 11 1.42 -14.17 -1.70
CA PRO B 11 2.61 -13.81 -0.87
C PRO B 11 3.82 -13.41 -1.71
N TYR B 12 4.82 -12.82 -1.06
CA TYR B 12 6.04 -12.42 -1.76
C TYR B 12 7.24 -12.62 -0.87
N VAL B 13 8.43 -12.69 -1.46
CA VAL B 13 9.64 -12.89 -0.68
C VAL B 13 10.24 -11.55 -0.27
N GLU B 14 10.81 -10.84 -1.24
CA GLU B 14 11.42 -9.53 -0.97
C GLU B 14 11.88 -8.90 -2.28
N GLU B 15 12.65 -7.80 -2.19
CA GLU B 15 13.14 -7.11 -3.38
C GLU B 15 11.99 -6.57 -4.22
N ASP B 16 11.12 -5.80 -3.59
CA ASP B 16 9.98 -5.22 -4.27
C ASP B 16 9.54 -3.92 -3.60
N LEU B 17 8.88 -3.06 -4.36
CA LEU B 17 8.41 -1.79 -3.81
C LEU B 17 7.20 -2.04 -2.92
N LEU B 18 7.27 -1.56 -1.68
CA LEU B 18 6.18 -1.77 -0.73
C LEU B 18 5.51 -0.46 -0.32
N ILE B 19 4.19 -0.53 -0.17
CA ILE B 19 3.39 0.62 0.24
C ILE B 19 2.26 0.14 1.15
N GLN B 20 2.01 0.84 2.25
CA GLN B 20 0.95 0.42 3.17
C GLN B 20 -0.06 1.53 3.43
N CYS B 21 -1.33 1.18 3.24
CA CYS B 21 -2.43 2.09 3.49
C CYS B 21 -2.45 2.44 4.97
N ARG B 22 -2.45 3.74 5.26
CA ARG B 22 -2.43 4.20 6.65
C ARG B 22 -3.80 4.06 7.32
N HIS B 23 -4.86 4.24 6.55
CA HIS B 23 -6.21 4.13 7.09
C HIS B 23 -6.52 2.70 7.53
N CYS B 24 -6.04 1.74 6.74
CA CYS B 24 -6.30 0.34 7.04
C CYS B 24 -5.05 -0.37 7.59
N GLU B 25 -3.91 0.30 7.52
CA GLU B 25 -2.66 -0.29 8.00
C GLU B 25 -2.43 -1.64 7.33
N ARG B 26 -2.39 -1.65 6.01
CA ARG B 26 -2.20 -2.91 5.27
C ARG B 26 -1.07 -2.82 4.24
N TRP B 27 -0.12 -3.76 4.30
CA TRP B 27 0.99 -3.78 3.33
C TRP B 27 0.52 -4.32 1.98
N MET B 28 0.78 -3.56 0.93
CA MET B 28 0.38 -3.96 -0.42
C MET B 28 1.48 -3.64 -1.42
N HIS B 29 1.54 -4.42 -2.50
CA HIS B 29 2.54 -4.16 -3.53
C HIS B 29 2.21 -2.88 -4.27
N ALA B 30 3.22 -2.14 -4.68
CA ALA B 30 2.99 -0.89 -5.39
C ALA B 30 2.23 -1.16 -6.69
N GLY B 31 2.61 -2.23 -7.38
CA GLY B 31 1.97 -2.59 -8.64
C GLY B 31 0.49 -2.90 -8.47
N CYS B 32 0.15 -3.65 -7.42
CA CYS B 32 -1.24 -4.00 -7.18
C CYS B 32 -2.03 -2.81 -6.64
N GLU B 33 -1.31 -1.79 -6.16
CA GLU B 33 -1.97 -0.60 -5.63
C GLU B 33 -1.96 0.56 -6.65
N SER B 34 -1.65 0.23 -7.90
CA SER B 34 -1.64 1.22 -8.98
C SER B 34 -0.68 2.39 -8.73
N LEU B 35 0.53 2.09 -8.24
CA LEU B 35 1.50 3.16 -8.04
C LEU B 35 2.33 3.33 -9.30
N PHE B 36 2.57 4.57 -9.72
CA PHE B 36 3.30 4.84 -10.96
C PHE B 36 4.81 4.63 -10.81
N THR B 37 5.43 5.37 -9.90
CA THR B 37 6.87 5.26 -9.70
C THR B 37 7.22 5.30 -8.22
N GLU B 38 8.49 5.02 -7.90
CA GLU B 38 8.94 5.03 -6.53
C GLU B 38 8.73 6.43 -5.94
N ASP B 39 8.76 7.43 -6.81
CA ASP B 39 8.56 8.81 -6.38
C ASP B 39 7.10 9.03 -5.99
N ASP B 40 6.21 8.47 -6.78
CA ASP B 40 4.77 8.61 -6.54
C ASP B 40 4.39 8.01 -5.20
N VAL B 41 4.92 6.83 -4.92
CA VAL B 41 4.63 6.16 -3.65
C VAL B 41 5.23 6.94 -2.49
N GLU B 42 6.36 7.60 -2.74
CA GLU B 42 6.96 8.40 -1.68
C GLU B 42 6.00 9.53 -1.31
N GLN B 43 5.48 10.19 -2.33
CA GLN B 43 4.53 11.29 -2.13
C GLN B 43 3.21 10.78 -1.55
N ALA B 44 2.75 9.64 -2.06
CA ALA B 44 1.50 9.04 -1.60
C ALA B 44 1.61 8.64 -0.14
N ALA B 45 2.77 8.10 0.23
CA ALA B 45 3.01 7.65 1.59
C ALA B 45 2.97 8.83 2.57
N ASP B 46 3.57 9.96 2.18
CA ASP B 46 3.59 11.13 3.06
C ASP B 46 2.21 11.77 3.21
N GLU B 47 1.60 12.12 2.07
CA GLU B 47 0.28 12.74 2.10
C GLU B 47 -0.78 11.80 2.63
N GLY B 48 -0.69 10.54 2.22
CA GLY B 48 -1.66 9.52 2.63
C GLY B 48 -1.98 8.59 1.48
N PHE B 49 -2.42 7.38 1.81
CA PHE B 49 -2.72 6.41 0.77
C PHE B 49 -3.92 5.54 1.15
N ASP B 50 -4.91 5.48 0.25
CA ASP B 50 -6.10 4.68 0.49
C ASP B 50 -6.10 3.43 -0.40
N CYS B 51 -6.21 2.26 0.22
CA CYS B 51 -6.22 1.02 -0.54
C CYS B 51 -7.62 0.71 -1.05
N VAL B 52 -7.72 -0.37 -1.81
CA VAL B 52 -9.00 -0.78 -2.40
C VAL B 52 -10.04 -1.12 -1.34
N SER B 53 -9.63 -1.30 -0.10
CA SER B 53 -10.57 -1.65 0.97
C SER B 53 -11.32 -0.42 1.51
N CYS B 54 -10.55 0.60 1.90
CA CYS B 54 -11.14 1.80 2.46
C CYS B 54 -11.99 2.55 1.44
N GLN B 55 -11.72 2.39 0.15
CA GLN B 55 -12.51 3.10 -0.84
C GLN B 55 -13.99 2.66 -0.79
N PRO B 56 -14.32 1.39 -1.02
CA PRO B 56 -15.73 0.91 -0.94
C PRO B 56 -16.37 1.18 0.42
N TYR B 57 -15.63 0.98 1.52
CA TYR B 57 -16.23 1.19 2.83
C TYR B 57 -16.45 2.67 3.15
N VAL B 58 -15.48 3.52 2.80
CA VAL B 58 -15.60 4.94 3.06
C VAL B 58 -16.66 5.58 2.16
N VAL B 59 -16.65 5.22 0.89
CA VAL B 59 -17.61 5.75 -0.07
C VAL B 59 -18.32 4.64 -0.84
N LYS B 60 -19.50 4.94 -1.35
CA LYS B 60 -20.26 3.95 -2.11
C LYS B 60 -21.52 4.59 -2.70
N GLY A 1 1.80 0.91 15.94
CA GLY A 1 0.88 1.12 14.78
C GLY A 1 0.48 2.59 14.70
N VAL A 2 1.48 3.46 14.56
CA VAL A 2 1.22 4.90 14.46
C VAL A 2 0.36 5.21 13.25
N GLY A 3 0.70 4.61 12.11
CA GLY A 3 -0.05 4.84 10.88
C GLY A 3 0.61 4.15 9.71
N GLY A 4 0.14 4.43 8.50
CA GLY A 4 0.71 3.83 7.30
C GLY A 4 2.00 4.52 6.91
N SER A 5 2.61 4.02 5.84
CA SER A 5 3.87 4.58 5.35
C SER A 5 4.28 3.86 4.08
N TRP A 6 5.38 4.26 3.48
CA TRP A 6 5.84 3.60 2.27
C TRP A 6 7.33 3.24 2.41
N GLY A 7 7.76 2.16 1.78
CA GLY A 7 9.15 1.75 1.87
C GLY A 7 9.68 1.22 0.54
N VAL A 8 11.00 1.27 0.38
CA VAL A 8 11.63 0.79 -0.85
C VAL A 8 12.43 -0.48 -0.56
N PHE A 9 12.39 -1.42 -1.48
CA PHE A 9 13.12 -2.67 -1.29
C PHE A 9 13.18 -3.48 -2.58
N SER B 1 -1.61 -8.68 6.61
CA SER B 1 -0.63 -7.81 5.89
C SER B 1 0.78 -8.27 6.22
N LEU B 2 1.77 -7.51 5.75
CA LEU B 2 3.16 -7.82 5.99
C LEU B 2 3.58 -9.08 5.25
N VAL B 3 3.15 -10.24 5.73
CA VAL B 3 3.51 -11.50 5.07
C VAL B 3 2.65 -11.74 3.83
N THR B 4 1.39 -11.32 3.88
CA THR B 4 0.49 -11.53 2.75
C THR B 4 -0.29 -10.26 2.40
N CYS B 5 -0.26 -9.91 1.11
CA CYS B 5 -1.00 -8.76 0.61
C CYS B 5 -2.48 -9.15 0.49
N PRO B 6 -3.40 -8.39 1.05
CA PRO B 6 -4.86 -8.76 1.01
C PRO B 6 -5.45 -8.81 -0.40
N ILE B 7 -4.98 -7.94 -1.29
CA ILE B 7 -5.51 -7.92 -2.66
C ILE B 7 -5.25 -9.22 -3.41
N CYS B 8 -4.02 -9.70 -3.37
CA CYS B 8 -3.70 -10.95 -4.06
C CYS B 8 -3.71 -12.12 -3.07
N HIS B 9 -3.95 -11.82 -1.79
CA HIS B 9 -4.05 -12.83 -0.74
C HIS B 9 -3.01 -13.95 -0.91
N ALA B 10 -1.78 -13.59 -1.20
CA ALA B 10 -0.74 -14.60 -1.36
C ALA B 10 0.59 -14.12 -0.76
N PRO B 11 1.44 -15.05 -0.38
CA PRO B 11 2.77 -14.70 0.22
C PRO B 11 3.73 -14.16 -0.83
N TYR B 12 4.73 -13.41 -0.38
CA TYR B 12 5.70 -12.83 -1.31
C TYR B 12 7.07 -12.71 -0.66
N VAL B 13 8.06 -12.39 -1.48
CA VAL B 13 9.42 -12.21 -0.99
C VAL B 13 9.68 -10.72 -0.84
N GLU B 14 10.10 -10.30 0.35
CA GLU B 14 10.38 -8.90 0.60
C GLU B 14 11.25 -8.33 -0.51
N GLU B 15 10.63 -7.47 -1.33
CA GLU B 15 11.33 -6.85 -2.45
C GLU B 15 10.39 -5.88 -3.16
N ASP B 16 10.70 -5.57 -4.41
CA ASP B 16 9.86 -4.66 -5.18
C ASP B 16 9.54 -3.39 -4.39
N LEU B 17 8.49 -2.68 -4.79
CA LEU B 17 8.10 -1.45 -4.11
C LEU B 17 6.96 -1.73 -3.13
N LEU B 18 7.11 -1.22 -1.90
CA LEU B 18 6.10 -1.44 -0.87
C LEU B 18 5.40 -0.14 -0.49
N ILE B 19 4.09 -0.23 -0.27
CA ILE B 19 3.28 0.93 0.13
C ILE B 19 2.23 0.49 1.15
N GLN B 20 2.07 1.26 2.22
CA GLN B 20 1.10 0.92 3.27
C GLN B 20 0.05 2.01 3.46
N CYS B 21 -1.20 1.62 3.26
CA CYS B 21 -2.35 2.50 3.42
C CYS B 21 -2.45 2.94 4.88
N ARG B 22 -2.48 4.27 5.08
CA ARG B 22 -2.58 4.84 6.43
C ARG B 22 -3.95 4.62 7.05
N HIS B 23 -4.98 4.75 6.23
CA HIS B 23 -6.35 4.59 6.69
C HIS B 23 -6.62 3.19 7.21
N CYS B 24 -6.07 2.20 6.53
CA CYS B 24 -6.30 0.81 6.90
C CYS B 24 -5.07 0.17 7.55
N GLU B 25 -3.93 0.86 7.47
CA GLU B 25 -2.69 0.31 8.02
C GLU B 25 -2.42 -1.06 7.42
N ARG B 26 -2.38 -1.11 6.09
CA ARG B 26 -2.14 -2.40 5.40
C ARG B 26 -1.02 -2.31 4.36
N TRP B 27 -0.07 -3.26 4.44
CA TRP B 27 1.04 -3.31 3.48
C TRP B 27 0.60 -4.04 2.22
N MET B 28 1.04 -3.55 1.06
CA MET B 28 0.68 -4.18 -0.20
C MET B 28 1.67 -3.83 -1.31
N HIS B 29 1.64 -4.61 -2.38
CA HIS B 29 2.54 -4.40 -3.51
C HIS B 29 2.18 -3.13 -4.26
N ALA B 30 3.21 -2.45 -4.79
CA ALA B 30 2.98 -1.25 -5.57
C ALA B 30 2.14 -1.60 -6.79
N GLY B 31 2.44 -2.76 -7.36
CA GLY B 31 1.72 -3.24 -8.53
C GLY B 31 0.23 -3.41 -8.22
N CYS B 32 -0.07 -3.88 -7.01
CA CYS B 32 -1.46 -4.06 -6.61
C CYS B 32 -2.19 -2.71 -6.67
N GLU B 33 -1.51 -1.65 -6.22
CA GLU B 33 -2.10 -0.32 -6.24
C GLU B 33 -1.73 0.44 -7.52
N SER B 34 -0.99 -0.21 -8.40
CA SER B 34 -0.58 0.40 -9.67
C SER B 34 0.27 1.66 -9.48
N LEU B 35 1.25 1.62 -8.58
CA LEU B 35 2.13 2.78 -8.41
C LEU B 35 3.03 2.89 -9.63
N PHE B 36 3.50 4.09 -9.95
CA PHE B 36 4.32 4.27 -11.14
C PHE B 36 5.81 4.17 -10.84
N THR B 37 6.32 5.10 -10.04
CA THR B 37 7.73 5.11 -9.70
C THR B 37 7.95 5.34 -8.21
N GLU B 38 9.20 5.23 -7.79
CA GLU B 38 9.54 5.44 -6.40
C GLU B 38 9.16 6.86 -6.01
N ASP B 39 9.36 7.78 -6.95
CA ASP B 39 9.02 9.18 -6.74
C ASP B 39 7.52 9.36 -6.64
N ASP B 40 6.77 8.64 -7.47
CA ASP B 40 5.32 8.74 -7.47
C ASP B 40 4.76 8.34 -6.12
N VAL B 41 5.24 7.22 -5.61
CA VAL B 41 4.78 6.73 -4.31
C VAL B 41 5.26 7.65 -3.20
N GLU B 42 6.38 8.32 -3.42
CA GLU B 42 6.88 9.26 -2.41
C GLU B 42 5.83 10.35 -2.20
N GLN B 43 5.33 10.89 -3.31
CA GLN B 43 4.32 11.93 -3.26
C GLN B 43 2.99 11.39 -2.73
N ALA B 44 2.62 10.19 -3.17
CA ALA B 44 1.37 9.57 -2.73
C ALA B 44 1.39 9.37 -1.22
N ALA B 45 2.53 8.91 -0.72
CA ALA B 45 2.70 8.68 0.71
C ALA B 45 2.61 9.98 1.50
N ASP B 46 3.19 11.04 0.97
CA ASP B 46 3.19 12.33 1.66
C ASP B 46 1.76 12.83 1.86
N GLU B 47 0.95 12.73 0.82
CA GLU B 47 -0.43 13.19 0.89
C GLU B 47 -1.35 12.08 1.42
N GLY B 48 -0.78 10.90 1.69
CA GLY B 48 -1.58 9.79 2.19
C GLY B 48 -1.99 8.88 1.04
N PHE B 49 -2.26 7.62 1.34
CA PHE B 49 -2.66 6.68 0.30
C PHE B 49 -3.79 5.78 0.77
N ASP B 50 -4.81 5.64 -0.07
CA ASP B 50 -5.96 4.81 0.24
C ASP B 50 -5.95 3.53 -0.62
N CYS B 51 -6.03 2.38 0.04
CA CYS B 51 -6.02 1.11 -0.68
C CYS B 51 -7.40 0.78 -1.22
N VAL B 52 -7.49 -0.34 -1.95
CA VAL B 52 -8.73 -0.77 -2.55
C VAL B 52 -9.82 -1.06 -1.53
N SER B 53 -9.46 -1.17 -0.26
CA SER B 53 -10.45 -1.47 0.78
C SER B 53 -11.21 -0.22 1.22
N CYS B 54 -10.46 0.79 1.66
CA CYS B 54 -11.07 2.03 2.14
C CYS B 54 -11.81 2.77 1.03
N GLN B 55 -11.38 2.64 -0.22
CA GLN B 55 -12.05 3.35 -1.30
C GLN B 55 -13.55 2.99 -1.39
N PRO B 56 -13.92 1.73 -1.57
CA PRO B 56 -15.36 1.33 -1.65
C PRO B 56 -16.10 1.46 -0.33
N TYR B 57 -15.45 1.22 0.81
CA TYR B 57 -16.16 1.33 2.09
C TYR B 57 -16.41 2.79 2.44
N VAL B 58 -15.42 3.64 2.19
CA VAL B 58 -15.56 5.07 2.48
C VAL B 58 -16.64 5.69 1.62
N VAL B 59 -16.67 5.32 0.35
CA VAL B 59 -17.66 5.87 -0.56
C VAL B 59 -18.75 4.85 -0.84
N LYS B 60 -19.99 5.22 -0.53
CA LYS B 60 -21.13 4.33 -0.75
C LYS B 60 -21.29 4.02 -2.24
N GLY A 1 4.65 9.61 5.11
CA GLY A 1 4.51 8.59 6.19
C GLY A 1 3.19 8.79 6.92
N VAL A 2 2.94 10.03 7.34
CA VAL A 2 1.69 10.33 8.04
C VAL A 2 0.49 10.06 7.14
N GLY A 3 0.57 10.50 5.90
CA GLY A 3 -0.52 10.30 4.95
C GLY A 3 -0.77 8.81 4.72
N GLY A 4 0.30 8.03 4.64
CA GLY A 4 0.17 6.58 4.43
C GLY A 4 1.40 5.85 4.96
N SER A 5 1.21 4.58 5.34
CA SER A 5 2.31 3.79 5.86
C SER A 5 3.35 3.56 4.76
N TRP A 6 4.61 3.50 5.16
CA TRP A 6 5.70 3.31 4.21
C TRP A 6 6.50 2.05 4.53
N GLY A 7 6.73 1.23 3.50
CA GLY A 7 7.50 0.01 3.68
C GLY A 7 8.72 0.01 2.77
N VAL A 8 9.90 -0.11 3.36
CA VAL A 8 11.13 -0.10 2.60
C VAL A 8 11.78 -1.49 2.62
N PHE A 9 12.06 -2.02 1.43
CA PHE A 9 12.68 -3.33 1.33
C PHE A 9 13.33 -3.52 -0.03
N SER B 1 -2.35 -9.51 6.05
CA SER B 1 -1.88 -8.77 4.84
C SER B 1 -0.49 -9.27 4.45
N LEU B 2 0.24 -9.81 5.42
CA LEU B 2 1.59 -10.31 5.16
C LEU B 2 1.52 -11.58 4.31
N VAL B 3 2.66 -11.97 3.75
CA VAL B 3 2.76 -13.16 2.89
C VAL B 3 2.11 -12.90 1.54
N THR B 4 0.80 -12.68 1.54
CA THR B 4 0.08 -12.40 0.29
C THR B 4 -0.73 -11.14 0.46
N CYS B 5 -0.82 -10.34 -0.60
CA CYS B 5 -1.58 -9.10 -0.51
C CYS B 5 -3.02 -9.33 -0.96
N PRO B 6 -3.93 -8.47 -0.56
CA PRO B 6 -5.37 -8.59 -0.90
C PRO B 6 -5.72 -8.08 -2.30
N ILE B 7 -4.84 -8.33 -3.26
CA ILE B 7 -5.07 -7.90 -4.63
C ILE B 7 -4.56 -8.98 -5.58
N CYS B 8 -3.25 -9.02 -5.81
CA CYS B 8 -2.67 -10.03 -6.67
C CYS B 8 -2.69 -11.39 -5.96
N HIS B 9 -2.81 -11.36 -4.63
CA HIS B 9 -2.86 -12.58 -3.84
C HIS B 9 -1.69 -13.50 -4.19
N ALA B 10 -0.47 -13.01 -4.01
CA ALA B 10 0.70 -13.81 -4.32
C ALA B 10 1.76 -13.71 -3.22
N PRO B 11 2.59 -14.71 -3.07
CA PRO B 11 3.67 -14.73 -2.03
C PRO B 11 4.84 -13.84 -2.41
N TYR B 12 5.60 -13.39 -1.42
CA TYR B 12 6.74 -12.54 -1.70
C TYR B 12 7.82 -12.63 -0.62
N VAL B 13 9.04 -12.29 -1.00
CA VAL B 13 10.16 -12.31 -0.07
C VAL B 13 10.50 -10.90 0.41
N GLU B 14 9.62 -9.95 0.12
CA GLU B 14 9.82 -8.56 0.53
C GLU B 14 11.08 -7.95 -0.09
N GLU B 15 11.29 -8.20 -1.37
CA GLU B 15 12.46 -7.64 -2.07
C GLU B 15 12.05 -6.45 -2.94
N ASP B 16 10.77 -6.08 -2.92
CA ASP B 16 10.29 -4.98 -3.73
C ASP B 16 9.74 -3.84 -2.86
N LEU B 17 9.36 -2.74 -3.51
CA LEU B 17 8.82 -1.58 -2.83
C LEU B 17 7.52 -1.93 -2.11
N LEU B 18 7.39 -1.47 -0.86
CA LEU B 18 6.19 -1.76 -0.08
C LEU B 18 5.47 -0.50 0.36
N ILE B 19 4.14 -0.58 0.38
CA ILE B 19 3.30 0.52 0.84
C ILE B 19 2.10 -0.05 1.56
N GLN B 20 1.61 0.65 2.58
CA GLN B 20 0.48 0.15 3.33
C GLN B 20 -0.55 1.23 3.65
N CYS B 21 -1.81 0.85 3.55
CA CYS B 21 -2.89 1.76 3.88
C CYS B 21 -2.87 1.93 5.39
N ARG B 22 -2.65 3.15 5.87
CA ARG B 22 -2.58 3.38 7.30
C ARG B 22 -3.94 3.23 7.98
N HIS B 23 -4.99 3.63 7.26
CA HIS B 23 -6.35 3.54 7.80
C HIS B 23 -6.73 2.08 8.05
N CYS B 24 -6.41 1.21 7.10
CA CYS B 24 -6.76 -0.20 7.22
C CYS B 24 -5.58 -1.06 7.70
N GLU B 25 -4.40 -0.45 7.81
CA GLU B 25 -3.22 -1.19 8.25
C GLU B 25 -3.01 -2.44 7.40
N ARG B 26 -2.87 -2.27 6.09
CA ARG B 26 -2.68 -3.42 5.19
C ARG B 26 -1.45 -3.25 4.29
N TRP B 27 -0.56 -4.25 4.30
CA TRP B 27 0.65 -4.20 3.46
C TRP B 27 0.34 -4.72 2.06
N MET B 28 0.78 -3.97 1.04
CA MET B 28 0.54 -4.38 -0.33
C MET B 28 1.73 -4.02 -1.22
N HIS B 29 1.85 -4.74 -2.33
CA HIS B 29 2.95 -4.50 -3.25
C HIS B 29 2.82 -3.11 -3.85
N ALA B 30 3.93 -2.48 -4.13
CA ALA B 30 3.89 -1.15 -4.71
C ALA B 30 3.17 -1.22 -6.06
N GLY B 31 3.46 -2.27 -6.83
CA GLY B 31 2.83 -2.45 -8.14
C GLY B 31 1.32 -2.58 -8.01
N CYS B 32 0.87 -3.28 -6.99
CA CYS B 32 -0.57 -3.48 -6.77
C CYS B 32 -1.28 -2.15 -6.53
N GLU B 33 -0.65 -1.25 -5.78
CA GLU B 33 -1.25 0.05 -5.48
C GLU B 33 -0.85 1.14 -6.48
N SER B 34 -0.46 0.71 -7.69
CA SER B 34 -0.07 1.64 -8.75
C SER B 34 1.14 2.51 -8.38
N LEU B 35 2.16 1.88 -7.81
CA LEU B 35 3.39 2.57 -7.44
C LEU B 35 4.56 1.90 -8.15
N PHE B 36 5.22 2.64 -9.05
CA PHE B 36 6.34 2.07 -9.79
C PHE B 36 7.68 2.58 -9.28
N THR B 37 7.82 3.89 -9.18
CA THR B 37 9.07 4.49 -8.73
C THR B 37 9.02 4.82 -7.24
N GLU B 38 10.20 4.97 -6.64
CA GLU B 38 10.29 5.31 -5.24
C GLU B 38 9.68 6.69 -5.03
N ASP B 39 9.87 7.55 -6.02
CA ASP B 39 9.34 8.91 -5.96
C ASP B 39 7.81 8.90 -5.99
N ASP B 40 7.23 8.04 -6.85
CA ASP B 40 5.77 7.99 -6.97
C ASP B 40 5.10 7.60 -5.66
N VAL B 41 5.66 6.60 -4.98
CA VAL B 41 5.07 6.17 -3.70
C VAL B 41 5.26 7.24 -2.64
N GLU B 42 6.38 7.95 -2.69
CA GLU B 42 6.63 9.00 -1.72
C GLU B 42 5.57 10.08 -1.83
N GLN B 43 5.29 10.50 -3.05
CA GLN B 43 4.29 11.54 -3.29
C GLN B 43 2.89 11.07 -2.90
N ALA B 44 2.53 9.85 -3.28
CA ALA B 44 1.21 9.32 -2.96
C ALA B 44 1.01 9.23 -1.45
N ALA B 45 2.02 8.71 -0.77
CA ALA B 45 1.96 8.57 0.68
C ALA B 45 1.87 9.93 1.36
N ASP B 46 2.62 10.90 0.84
CA ASP B 46 2.64 12.25 1.40
C ASP B 46 1.25 12.88 1.32
N GLU B 47 0.61 12.72 0.17
CA GLU B 47 -0.72 13.28 -0.05
C GLU B 47 -1.81 12.45 0.62
N GLY B 48 -1.42 11.30 1.19
CA GLY B 48 -2.39 10.43 1.84
C GLY B 48 -2.61 9.18 1.01
N PHE B 49 -3.01 8.08 1.65
CA PHE B 49 -3.23 6.85 0.92
C PHE B 49 -4.40 6.06 1.49
N ASP B 50 -5.22 5.52 0.59
CA ASP B 50 -6.37 4.73 0.98
C ASP B 50 -6.51 3.53 0.03
N CYS B 51 -6.67 2.33 0.60
CA CYS B 51 -6.80 1.14 -0.21
C CYS B 51 -8.25 0.88 -0.61
N VAL B 52 -8.48 -0.29 -1.19
CA VAL B 52 -9.81 -0.67 -1.67
C VAL B 52 -10.81 -0.87 -0.54
N SER B 53 -10.33 -1.26 0.63
CA SER B 53 -11.23 -1.51 1.76
C SER B 53 -11.85 -0.24 2.38
N CYS B 54 -11.00 0.73 2.70
CA CYS B 54 -11.46 1.96 3.33
C CYS B 54 -12.43 2.76 2.46
N GLN B 55 -12.31 2.68 1.15
CA GLN B 55 -13.20 3.45 0.29
C GLN B 55 -14.68 3.07 0.51
N PRO B 56 -15.06 1.82 0.36
CA PRO B 56 -16.48 1.40 0.58
C PRO B 56 -16.94 1.53 2.03
N TYR B 57 -16.06 1.27 3.01
CA TYR B 57 -16.49 1.40 4.40
C TYR B 57 -16.66 2.87 4.78
N VAL B 58 -15.74 3.71 4.33
CA VAL B 58 -15.83 5.14 4.61
C VAL B 58 -17.05 5.75 3.94
N VAL B 59 -17.24 5.38 2.69
CA VAL B 59 -18.38 5.88 1.94
C VAL B 59 -19.68 5.41 2.56
N LYS B 60 -19.72 4.15 2.94
CA LYS B 60 -20.90 3.57 3.56
C LYS B 60 -20.62 3.15 4.99
N GLY A 1 0.41 5.52 11.12
CA GLY A 1 -0.21 6.60 11.94
C GLY A 1 -0.42 7.83 11.06
N VAL A 2 0.68 8.48 10.68
CA VAL A 2 0.60 9.67 9.84
C VAL A 2 1.32 9.44 8.51
N GLY A 3 0.59 9.65 7.41
CA GLY A 3 1.17 9.47 6.09
C GLY A 3 1.41 7.99 5.77
N GLY A 4 0.80 7.09 6.55
CA GLY A 4 0.98 5.67 6.31
C GLY A 4 2.44 5.29 6.52
N SER A 5 2.87 4.23 5.84
CA SER A 5 4.27 3.81 5.97
C SER A 5 4.74 3.09 4.71
N TRP A 6 5.82 3.57 4.12
CA TRP A 6 6.34 2.94 2.92
C TRP A 6 7.84 2.69 3.08
N GLY A 7 8.34 1.66 2.41
CA GLY A 7 9.77 1.35 2.50
C GLY A 7 10.22 0.51 1.31
N VAL A 8 11.52 0.27 1.22
CA VAL A 8 12.06 -0.53 0.12
C VAL A 8 12.56 -1.87 0.66
N PHE A 9 12.05 -2.94 0.08
CA PHE A 9 12.44 -4.29 0.50
C PHE A 9 12.61 -5.20 -0.70
N SER B 1 -1.88 -7.66 6.94
CA SER B 1 -0.74 -6.80 6.52
C SER B 1 0.55 -7.61 6.52
N LEU B 2 1.40 -7.35 5.54
CA LEU B 2 2.68 -8.06 5.41
C LEU B 2 2.43 -9.56 5.23
N VAL B 3 3.44 -10.26 4.72
CA VAL B 3 3.35 -11.70 4.49
C VAL B 3 2.38 -11.99 3.34
N THR B 4 1.10 -11.79 3.58
CA THR B 4 0.09 -12.02 2.56
C THR B 4 -0.60 -10.71 2.18
N CYS B 5 -0.65 -10.43 0.88
CA CYS B 5 -1.29 -9.22 0.41
C CYS B 5 -2.75 -9.53 0.06
N PRO B 6 -3.73 -8.89 0.68
CA PRO B 6 -5.17 -9.18 0.41
C PRO B 6 -5.50 -9.11 -1.09
N ILE B 7 -4.84 -8.19 -1.79
CA ILE B 7 -5.08 -8.04 -3.23
C ILE B 7 -4.72 -9.32 -3.97
N CYS B 8 -3.56 -9.86 -3.67
CA CYS B 8 -3.12 -11.07 -4.33
C CYS B 8 -3.71 -12.31 -3.65
N HIS B 9 -4.16 -12.13 -2.40
CA HIS B 9 -4.78 -13.20 -1.61
C HIS B 9 -3.77 -14.24 -1.15
N ALA B 10 -2.50 -14.10 -1.52
CA ALA B 10 -1.49 -15.06 -1.09
C ALA B 10 -0.09 -14.75 -1.64
N PRO B 11 0.08 -14.59 -2.94
CA PRO B 11 1.42 -14.31 -3.54
C PRO B 11 2.12 -13.11 -2.92
N TYR B 12 3.42 -13.25 -2.70
CA TYR B 12 4.23 -12.19 -2.12
C TYR B 12 5.65 -12.27 -2.69
N VAL B 13 6.05 -11.25 -3.43
CA VAL B 13 7.38 -11.24 -4.03
C VAL B 13 8.48 -11.28 -2.98
N GLU B 14 8.30 -10.50 -1.91
CA GLU B 14 9.28 -10.45 -0.83
C GLU B 14 10.54 -9.73 -1.31
N GLU B 15 10.36 -8.83 -2.26
CA GLU B 15 11.47 -8.05 -2.81
C GLU B 15 10.93 -7.04 -3.82
N ASP B 16 10.25 -6.02 -3.31
CA ASP B 16 9.67 -4.99 -4.16
C ASP B 16 9.35 -3.73 -3.35
N LEU B 17 8.85 -2.72 -4.05
CA LEU B 17 8.49 -1.46 -3.42
C LEU B 17 7.31 -1.67 -2.47
N LEU B 18 7.39 -1.11 -1.27
CA LEU B 18 6.34 -1.28 -0.28
C LEU B 18 5.63 0.04 0.06
N ILE B 19 4.32 -0.07 0.28
CA ILE B 19 3.50 1.09 0.64
C ILE B 19 2.41 0.64 1.61
N GLN B 20 2.14 1.43 2.65
CA GLN B 20 1.11 1.06 3.63
C GLN B 20 0.02 2.10 3.75
N CYS B 21 -1.22 1.64 3.52
CA CYS B 21 -2.39 2.48 3.62
C CYS B 21 -2.62 2.85 5.08
N ARG B 22 -2.68 4.15 5.35
CA ARG B 22 -2.85 4.66 6.71
C ARG B 22 -4.28 4.45 7.23
N HIS B 23 -5.26 4.46 6.34
CA HIS B 23 -6.65 4.30 6.74
C HIS B 23 -6.90 2.96 7.44
N CYS B 24 -6.34 1.90 6.89
CA CYS B 24 -6.54 0.58 7.46
C CYS B 24 -5.21 -0.06 7.89
N GLU B 25 -4.12 0.67 7.73
CA GLU B 25 -2.81 0.15 8.13
C GLU B 25 -2.52 -1.20 7.48
N ARG B 26 -2.48 -1.22 6.15
CA ARG B 26 -2.21 -2.48 5.43
C ARG B 26 -1.01 -2.33 4.48
N TRP B 27 -0.07 -3.27 4.56
CA TRP B 27 1.10 -3.25 3.68
C TRP B 27 0.77 -3.92 2.37
N MET B 28 0.97 -3.21 1.27
CA MET B 28 0.65 -3.73 -0.05
C MET B 28 1.78 -3.46 -1.04
N HIS B 29 1.79 -4.23 -2.12
CA HIS B 29 2.80 -4.07 -3.16
C HIS B 29 2.55 -2.78 -3.93
N ALA B 30 3.61 -2.18 -4.46
CA ALA B 30 3.46 -0.96 -5.24
C ALA B 30 2.58 -1.23 -6.45
N GLY B 31 2.80 -2.40 -7.05
CA GLY B 31 2.01 -2.79 -8.23
C GLY B 31 0.53 -2.87 -7.89
N CYS B 32 0.22 -3.33 -6.68
CA CYS B 32 -1.17 -3.45 -6.26
C CYS B 32 -1.83 -2.07 -6.27
N GLU B 33 -1.11 -1.06 -5.82
CA GLU B 33 -1.65 0.30 -5.79
C GLU B 33 -1.32 1.05 -7.09
N SER B 34 -0.70 0.35 -8.03
CA SER B 34 -0.35 0.94 -9.32
C SER B 34 0.61 2.14 -9.17
N LEU B 35 1.57 2.02 -8.25
CA LEU B 35 2.54 3.09 -8.07
C LEU B 35 3.49 3.10 -9.27
N PHE B 36 4.03 4.26 -9.63
CA PHE B 36 4.91 4.35 -10.80
C PHE B 36 6.38 4.22 -10.41
N THR B 37 6.83 5.07 -9.51
CA THR B 37 8.24 5.05 -9.11
C THR B 37 8.36 5.16 -7.60
N GLU B 38 9.57 4.92 -7.10
CA GLU B 38 9.82 5.01 -5.67
C GLU B 38 9.56 6.43 -5.21
N ASP B 39 9.90 7.39 -6.06
CA ASP B 39 9.69 8.80 -5.75
C ASP B 39 8.20 9.10 -5.70
N ASP B 40 7.44 8.50 -6.60
CA ASP B 40 6.00 8.72 -6.67
C ASP B 40 5.34 8.30 -5.37
N VAL B 41 5.71 7.13 -4.88
CA VAL B 41 5.12 6.62 -3.64
C VAL B 41 5.58 7.46 -2.46
N GLU B 42 6.75 8.07 -2.57
CA GLU B 42 7.23 8.91 -1.49
C GLU B 42 6.24 10.04 -1.27
N GLN B 43 5.81 10.65 -2.37
CA GLN B 43 4.84 11.74 -2.33
C GLN B 43 3.46 11.22 -1.90
N ALA B 44 3.07 10.06 -2.43
CA ALA B 44 1.77 9.47 -2.12
C ALA B 44 1.68 9.18 -0.63
N ALA B 45 2.75 8.65 -0.07
CA ALA B 45 2.81 8.32 1.34
C ALA B 45 2.68 9.57 2.20
N ASP B 46 3.33 10.65 1.77
CA ASP B 46 3.28 11.92 2.51
C ASP B 46 1.85 12.43 2.61
N GLU B 47 1.14 12.41 1.48
CA GLU B 47 -0.24 12.88 1.44
C GLU B 47 -1.12 12.02 2.34
N GLY B 48 -0.88 10.72 2.33
CA GLY B 48 -1.65 9.79 3.15
C GLY B 48 -1.95 8.52 2.36
N PHE B 49 -2.53 8.71 1.17
CA PHE B 49 -2.85 7.59 0.29
C PHE B 49 -3.88 6.64 0.91
N ASP B 50 -4.65 5.99 0.04
CA ASP B 50 -5.66 5.03 0.45
C ASP B 50 -5.64 3.83 -0.49
N CYS B 51 -5.71 2.63 0.06
CA CYS B 51 -5.70 1.42 -0.75
C CYS B 51 -7.06 1.20 -1.39
N VAL B 52 -7.13 0.21 -2.25
CA VAL B 52 -8.38 -0.09 -2.95
C VAL B 52 -9.41 -0.66 -1.99
N SER B 53 -8.96 -1.33 -0.94
CA SER B 53 -9.88 -1.94 0.03
C SER B 53 -10.72 -0.90 0.78
N CYS B 54 -10.09 0.20 1.14
CA CYS B 54 -10.77 1.25 1.88
C CYS B 54 -11.92 1.85 1.09
N GLN B 55 -11.76 2.02 -0.22
CA GLN B 55 -12.85 2.62 -0.99
C GLN B 55 -14.19 1.86 -0.83
N PRO B 56 -14.30 0.59 -1.17
CA PRO B 56 -15.57 -0.17 -0.98
C PRO B 56 -16.07 -0.19 0.47
N TYR B 57 -15.17 -0.36 1.44
CA TYR B 57 -15.61 -0.40 2.84
C TYR B 57 -16.04 0.97 3.34
N VAL B 58 -15.30 2.00 2.97
CA VAL B 58 -15.59 3.36 3.37
C VAL B 58 -16.92 3.82 2.77
N VAL B 59 -17.12 3.50 1.50
CA VAL B 59 -18.34 3.89 0.82
C VAL B 59 -19.18 2.67 0.47
N LYS B 60 -20.43 2.67 0.94
CA LYS B 60 -21.33 1.55 0.67
C LYS B 60 -22.59 2.05 -0.04
N GLY A 1 2.24 11.97 13.01
CA GLY A 1 1.70 10.77 12.31
C GLY A 1 0.76 11.21 11.20
N VAL A 2 1.31 11.54 10.04
CA VAL A 2 0.51 11.97 8.91
C VAL A 2 0.97 11.31 7.62
N GLY A 3 0.02 10.96 6.77
CA GLY A 3 0.34 10.30 5.50
C GLY A 3 0.34 8.79 5.65
N GLY A 4 0.43 8.08 4.53
CA GLY A 4 0.45 6.63 4.55
C GLY A 4 1.81 6.12 5.01
N SER A 5 1.90 4.81 5.21
CA SER A 5 3.16 4.23 5.66
C SER A 5 3.73 3.33 4.57
N TRP A 6 4.90 3.70 4.05
CA TRP A 6 5.53 2.89 3.01
C TRP A 6 7.00 2.65 3.37
N GLY A 7 7.54 1.52 2.93
CA GLY A 7 8.93 1.20 3.24
C GLY A 7 9.33 -0.16 2.67
N VAL A 8 10.12 -0.90 3.43
CA VAL A 8 10.56 -2.22 2.99
C VAL A 8 9.94 -3.31 3.85
N PHE A 9 9.94 -4.54 3.34
CA PHE A 9 9.35 -5.66 4.08
C PHE A 9 10.09 -5.86 5.40
N SER B 1 -0.62 -10.00 5.70
CA SER B 1 -0.24 -8.76 4.98
C SER B 1 1.24 -8.83 4.60
N LEU B 2 2.10 -9.01 5.59
CA LEU B 2 3.53 -9.10 5.34
C LEU B 2 3.87 -10.37 4.57
N VAL B 3 3.01 -11.37 4.68
CA VAL B 3 3.25 -12.64 3.98
C VAL B 3 2.43 -12.71 2.70
N THR B 4 1.13 -12.43 2.82
CA THR B 4 0.24 -12.48 1.66
C THR B 4 -0.40 -11.11 1.43
N CYS B 5 -0.36 -10.65 0.18
CA CYS B 5 -0.95 -9.36 -0.17
C CYS B 5 -2.38 -9.52 -0.66
N PRO B 6 -3.31 -8.67 -0.26
CA PRO B 6 -4.73 -8.78 -0.68
C PRO B 6 -5.00 -8.18 -2.06
N ILE B 7 -4.14 -8.51 -3.01
CA ILE B 7 -4.29 -8.03 -4.38
C ILE B 7 -3.83 -9.10 -5.35
N CYS B 8 -2.54 -9.38 -5.32
CA CYS B 8 -1.96 -10.39 -6.19
C CYS B 8 -2.45 -11.78 -5.77
N HIS B 9 -3.08 -11.86 -4.58
CA HIS B 9 -3.65 -13.10 -4.06
C HIS B 9 -2.60 -14.08 -3.53
N ALA B 10 -1.31 -13.82 -3.77
CA ALA B 10 -0.29 -14.75 -3.27
C ALA B 10 1.14 -14.30 -3.56
N PRO B 11 1.48 -13.96 -4.79
CA PRO B 11 2.86 -13.55 -5.13
C PRO B 11 3.41 -12.50 -4.15
N TYR B 12 4.63 -12.74 -3.68
CA TYR B 12 5.24 -11.83 -2.72
C TYR B 12 6.74 -11.67 -3.00
N VAL B 13 7.18 -10.42 -3.05
CA VAL B 13 8.61 -10.15 -3.31
C VAL B 13 9.17 -9.28 -2.19
N GLU B 14 10.24 -9.76 -1.56
CA GLU B 14 10.86 -9.01 -0.47
C GLU B 14 11.58 -7.75 -0.96
N GLU B 15 12.45 -7.90 -1.96
CA GLU B 15 13.18 -6.74 -2.48
C GLU B 15 12.28 -5.88 -3.35
N ASP B 16 11.61 -4.92 -2.72
CA ASP B 16 10.70 -4.04 -3.45
C ASP B 16 10.21 -2.90 -2.56
N LEU B 17 9.68 -1.86 -3.20
CA LEU B 17 9.13 -0.73 -2.45
C LEU B 17 7.71 -1.09 -2.05
N LEU B 18 7.43 -1.10 -0.75
CA LEU B 18 6.11 -1.48 -0.28
C LEU B 18 5.29 -0.29 0.19
N ILE B 19 3.98 -0.40 0.01
CA ILE B 19 3.06 0.65 0.43
C ILE B 19 2.01 0.07 1.36
N GLN B 20 1.68 0.78 2.44
CA GLN B 20 0.70 0.29 3.39
C GLN B 20 -0.34 1.34 3.74
N CYS B 21 -1.61 0.90 3.76
CA CYS B 21 -2.72 1.77 4.11
C CYS B 21 -2.68 2.03 5.61
N ARG B 22 -2.61 3.31 5.99
CA ARG B 22 -2.54 3.67 7.40
C ARG B 22 -3.87 3.45 8.11
N HIS B 23 -4.97 3.80 7.45
CA HIS B 23 -6.29 3.64 8.04
C HIS B 23 -6.60 2.18 8.32
N CYS B 24 -6.33 1.33 7.34
CA CYS B 24 -6.62 -0.10 7.47
C CYS B 24 -5.40 -0.89 7.98
N GLU B 25 -4.24 -0.24 8.03
CA GLU B 25 -3.03 -0.89 8.52
C GLU B 25 -2.77 -2.19 7.74
N ARG B 26 -2.69 -2.09 6.42
CA ARG B 26 -2.44 -3.28 5.60
C ARG B 26 -1.24 -3.06 4.68
N TRP B 27 -0.40 -4.10 4.54
CA TRP B 27 0.77 -4.01 3.68
C TRP B 27 0.50 -4.64 2.31
N MET B 28 0.82 -3.89 1.26
CA MET B 28 0.60 -4.39 -0.09
C MET B 28 1.78 -3.98 -0.98
N HIS B 29 2.02 -4.77 -2.02
CA HIS B 29 3.11 -4.46 -2.94
C HIS B 29 2.80 -3.18 -3.68
N ALA B 30 3.82 -2.41 -4.02
CA ALA B 30 3.61 -1.16 -4.72
C ALA B 30 2.93 -1.40 -6.05
N GLY B 31 3.37 -2.44 -6.77
CA GLY B 31 2.79 -2.77 -8.07
C GLY B 31 1.31 -3.10 -7.92
N CYS B 32 0.97 -3.78 -6.85
CA CYS B 32 -0.40 -4.17 -6.58
C CYS B 32 -1.32 -2.96 -6.45
N GLU B 33 -0.85 -1.92 -5.78
CA GLU B 33 -1.67 -0.72 -5.57
C GLU B 33 -1.42 0.35 -6.62
N SER B 34 -1.13 -0.07 -7.85
CA SER B 34 -0.91 0.85 -8.97
C SER B 34 0.40 1.63 -8.87
N LEU B 35 1.20 1.38 -7.84
CA LEU B 35 2.47 2.08 -7.71
C LEU B 35 3.55 1.29 -8.45
N PHE B 36 4.21 1.94 -9.40
CA PHE B 36 5.25 1.27 -10.17
C PHE B 36 6.58 2.01 -10.09
N THR B 37 6.56 3.23 -9.56
CA THR B 37 7.78 4.01 -9.44
C THR B 37 7.95 4.53 -8.02
N GLU B 38 9.22 4.74 -7.63
CA GLU B 38 9.55 5.24 -6.32
C GLU B 38 8.97 6.65 -6.10
N ASP B 39 9.05 7.48 -7.13
CA ASP B 39 8.56 8.84 -7.03
C ASP B 39 7.06 8.87 -6.74
N ASP B 40 6.30 8.06 -7.46
CA ASP B 40 4.87 8.03 -7.29
C ASP B 40 4.45 7.58 -5.89
N VAL B 41 5.13 6.58 -5.35
CA VAL B 41 4.79 6.08 -4.01
C VAL B 41 5.34 6.97 -2.92
N GLU B 42 6.51 7.56 -3.14
CA GLU B 42 7.08 8.43 -2.13
C GLU B 42 6.15 9.61 -1.90
N GLN B 43 5.68 10.21 -3.00
CA GLN B 43 4.77 11.33 -2.94
C GLN B 43 3.39 10.89 -2.45
N ALA B 44 2.93 9.74 -2.94
CA ALA B 44 1.61 9.22 -2.56
C ALA B 44 1.57 8.95 -1.06
N ALA B 45 2.65 8.37 -0.55
CA ALA B 45 2.74 8.05 0.87
C ALA B 45 2.68 9.32 1.73
N ASP B 46 3.39 10.35 1.29
CA ASP B 46 3.40 11.61 2.04
C ASP B 46 2.01 12.22 2.12
N GLU B 47 1.33 12.29 0.98
CA GLU B 47 -0.01 12.86 0.92
C GLU B 47 -0.99 12.00 1.71
N GLY B 48 -0.82 10.69 1.61
CA GLY B 48 -1.70 9.74 2.30
C GLY B 48 -2.02 8.58 1.36
N PHE B 49 -2.35 7.42 1.92
CA PHE B 49 -2.66 6.27 1.08
C PHE B 49 -3.85 5.47 1.62
N ASP B 50 -4.85 5.29 0.76
CA ASP B 50 -6.03 4.53 1.11
C ASP B 50 -6.17 3.32 0.19
N CYS B 51 -6.33 2.14 0.77
CA CYS B 51 -6.46 0.93 -0.03
C CYS B 51 -7.89 0.74 -0.53
N VAL B 52 -8.13 -0.41 -1.15
CA VAL B 52 -9.43 -0.73 -1.72
C VAL B 52 -10.50 -0.94 -0.67
N SER B 53 -10.09 -1.34 0.53
CA SER B 53 -11.06 -1.61 1.60
C SER B 53 -11.72 -0.33 2.17
N CYS B 54 -10.89 0.65 2.52
CA CYS B 54 -11.38 1.89 3.12
C CYS B 54 -12.23 2.72 2.17
N GLN B 55 -12.00 2.62 0.86
CA GLN B 55 -12.79 3.40 -0.07
C GLN B 55 -14.29 3.08 0.04
N PRO B 56 -14.71 1.84 -0.12
CA PRO B 56 -16.16 1.47 -0.01
C PRO B 56 -16.72 1.60 1.39
N TYR B 57 -15.90 1.34 2.42
CA TYR B 57 -16.43 1.47 3.78
C TYR B 57 -16.60 2.94 4.15
N VAL B 58 -15.62 3.77 3.77
CA VAL B 58 -15.67 5.20 4.03
C VAL B 58 -16.81 5.84 3.25
N VAL B 59 -16.93 5.46 1.99
CA VAL B 59 -17.96 6.02 1.13
C VAL B 59 -18.97 4.95 0.72
N LYS B 60 -20.25 5.21 0.97
CA LYS B 60 -21.29 4.25 0.62
C LYS B 60 -22.67 4.87 0.81
#